data_7F4S
#
_entry.id   7F4S
#
_cell.length_a   75.699
_cell.length_b   75.647
_cell.length_c   142.471
_cell.angle_alpha   90.000
_cell.angle_beta   99.158
_cell.angle_gamma   90.000
#
_symmetry.space_group_name_H-M   'P 1 21 1'
#
loop_
_entity.id
_entity.type
_entity.pdbx_description
1 polymer 'MT-a70 family protein'
2 polymer MTA9
3 water water
#
loop_
_entity_poly.entity_id
_entity_poly.type
_entity_poly.pdbx_seq_one_letter_code
_entity_poly.pdbx_strand_id
1 'polypeptide(L)'
;MVPDNSIPICSDVTKLNFQALIDAQMRHAGKMFDVIMMDPPWQLSSSQPSRGVAIAYDSLSDEKIQNMPIQSLQQDGFIF
VWAINAKYRVTIKMIENWGYKLVDEITWVKKTVNGKIAKGHGFYLQHAKESCLIGVKGDVDNGRFKKNIASDVIFSERRG
QSQKPEEIYQYINQLCPNGNYLEIFARRNNLHDNWVSIGNEL
;
A,B,C
2 'polypeptide(L)'
;DKVTCDNLEVLLQWKGSINCQSYETDQKKIVVLKKILGTDLSQYAKGVQGIFIDNLFKKDLKNLDISKKLISNGILFIWS
DKSLINEILETMENKGFTYIENLVVVQLSLEQALEELNKHMKIEQTEDAVLDNLDFLQQKVQVKDLILHRPSKVLNQSKQ
VLIMFRKFDEQKSQLELRHQRTPDVLFDIVNNGKSCLKTKEYIYQTIETLLPKSQLMEIFAQKDQPRKGWISVCENK
;
D,E,F
#
# COMPACT_ATOMS: atom_id res chain seq x y z
N VAL A 13 12.20 10.78 -6.41
CA VAL A 13 13.62 10.57 -6.19
C VAL A 13 14.44 11.73 -6.74
N THR A 14 13.93 12.94 -6.62
CA THR A 14 14.66 14.11 -7.08
C THR A 14 15.93 14.18 -6.25
N LYS A 15 15.78 13.87 -4.97
CA LYS A 15 16.89 13.96 -4.04
C LYS A 15 18.02 13.03 -4.43
N LEU A 16 17.68 11.84 -4.93
CA LEU A 16 18.69 10.85 -5.27
C LEU A 16 19.58 11.30 -6.43
N ASN A 17 20.82 10.85 -6.37
CA ASN A 17 21.77 11.11 -7.43
C ASN A 17 22.04 9.82 -8.18
N PHE A 18 21.82 9.84 -9.49
CA PHE A 18 22.07 8.70 -10.34
C PHE A 18 23.54 8.68 -10.73
N GLN A 19 24.25 9.76 -10.42
CA GLN A 19 25.67 9.85 -10.71
C GLN A 19 26.45 8.79 -9.97
N ALA A 20 26.03 8.50 -8.75
CA ALA A 20 26.67 7.44 -8.00
C ALA A 20 26.47 6.11 -8.71
N LEU A 21 25.28 5.90 -9.25
CA LEU A 21 24.97 4.70 -10.01
C LEU A 21 25.76 4.54 -11.30
N ILE A 22 25.91 5.63 -12.06
CA ILE A 22 26.67 5.58 -13.31
C ILE A 22 28.15 5.29 -13.14
N ASP A 23 28.78 5.95 -12.16
CA ASP A 23 30.21 5.80 -11.97
C ASP A 23 30.58 4.39 -11.55
N ALA A 24 29.80 3.81 -10.65
CA ALA A 24 30.01 2.44 -10.25
C ALA A 24 29.72 1.44 -11.36
N GLN A 25 28.62 1.65 -12.06
CA GLN A 25 28.17 0.72 -13.09
C GLN A 25 29.10 0.59 -14.28
N MET A 26 29.59 1.71 -14.78
CA MET A 26 30.41 1.70 -15.98
C MET A 26 31.78 1.14 -15.67
N ARG A 27 32.35 1.58 -14.56
CA ARG A 27 33.65 1.07 -14.13
C ARG A 27 33.55 -0.40 -13.81
N HIS A 28 32.49 -0.77 -13.11
CA HIS A 28 32.25 -2.15 -12.72
C HIS A 28 31.93 -3.11 -13.85
N ALA A 29 31.13 -2.68 -14.81
CA ALA A 29 30.80 -3.54 -15.94
C ALA A 29 31.33 -3.06 -17.30
N GLY A 30 31.43 -1.75 -17.45
CA GLY A 30 31.80 -1.19 -18.73
C GLY A 30 30.61 -1.22 -19.68
N LYS A 31 29.48 -1.67 -19.16
CA LYS A 31 28.25 -1.81 -19.91
C LYS A 31 27.13 -1.15 -19.14
N MET A 32 26.30 -0.36 -19.82
CA MET A 32 25.11 0.22 -19.20
C MET A 32 24.00 -0.81 -19.15
N PHE A 33 22.98 -0.57 -18.33
CA PHE A 33 21.98 -1.59 -18.09
C PHE A 33 21.24 -2.00 -19.35
N ASP A 34 21.12 -3.30 -19.54
CA ASP A 34 20.38 -3.90 -20.64
C ASP A 34 18.86 -3.71 -20.61
N VAL A 35 18.29 -3.81 -19.41
CA VAL A 35 16.85 -3.69 -19.25
C VAL A 35 16.54 -2.90 -18.01
N ILE A 36 15.40 -2.23 -17.99
CA ILE A 36 15.03 -1.40 -16.85
C ILE A 36 13.53 -1.52 -16.68
N MET A 37 13.09 -1.96 -15.51
CA MET A 37 11.66 -1.98 -15.20
C MET A 37 11.38 -1.01 -14.05
N MET A 38 10.23 -0.35 -14.09
CA MET A 38 9.81 0.54 -13.03
C MET A 38 8.30 0.50 -12.76
N ASP A 39 7.93 0.77 -11.51
CA ASP A 39 6.56 0.86 -11.07
C ASP A 39 6.46 2.23 -10.41
N PRO A 40 6.34 3.32 -11.28
CA PRO A 40 6.45 4.63 -10.62
C PRO A 40 5.34 4.92 -9.60
N PRO A 41 5.73 5.79 -8.57
CA PRO A 41 4.73 5.88 -7.48
C PRO A 41 4.04 6.99 -8.24
N TRP A 42 2.72 7.08 -8.15
CA TRP A 42 2.03 8.10 -8.94
C TRP A 42 1.43 8.72 -7.69
N GLN A 43 1.39 10.05 -7.65
CA GLN A 43 0.89 10.80 -6.51
C GLN A 43 -0.29 10.09 -5.85
N ALA A 56 -0.99 6.95 1.28
CA ALA A 56 -0.89 7.35 -0.10
C ALA A 56 0.00 6.37 -0.83
N TYR A 57 0.42 6.71 -2.04
CA TYR A 57 1.34 5.85 -2.79
C TYR A 57 2.53 6.62 -3.32
N ASP A 58 3.39 7.03 -2.39
CA ASP A 58 4.68 7.60 -2.71
C ASP A 58 4.53 9.07 -3.04
N SER A 59 3.29 9.53 -3.12
CA SER A 59 3.00 10.95 -3.16
C SER A 59 3.80 11.68 -4.23
N LEU A 60 3.93 11.11 -5.42
CA LEU A 60 4.79 11.74 -6.40
C LEU A 60 4.05 12.51 -7.49
N SER A 61 4.48 13.75 -7.68
CA SER A 61 3.94 14.62 -8.70
C SER A 61 4.34 14.01 -10.03
N ASP A 62 3.51 14.19 -11.03
CA ASP A 62 3.72 13.53 -12.31
C ASP A 62 5.03 13.93 -12.94
N GLU A 63 5.39 15.20 -12.85
CA GLU A 63 6.61 15.66 -13.49
C GLU A 63 7.85 14.99 -12.92
N LYS A 64 7.91 14.85 -11.61
CA LYS A 64 9.17 14.48 -10.99
C LYS A 64 9.66 13.14 -11.48
N ILE A 65 8.78 12.17 -11.57
CA ILE A 65 9.12 10.87 -12.12
C ILE A 65 9.49 11.04 -13.58
N GLN A 66 8.77 11.94 -14.23
CA GLN A 66 8.88 12.15 -15.66
C GLN A 66 10.21 12.79 -16.01
N ASN A 67 10.91 13.31 -15.01
CA ASN A 67 12.17 14.01 -15.26
C ASN A 67 13.32 13.47 -14.44
N MET A 68 13.78 12.29 -14.82
CA MET A 68 14.95 11.68 -14.26
C MET A 68 15.75 11.20 -15.45
N PRO A 69 17.07 11.14 -15.35
CA PRO A 69 17.83 10.82 -16.54
C PRO A 69 17.89 9.33 -16.81
N ILE A 70 16.75 8.74 -17.12
CA ILE A 70 16.72 7.34 -17.48
C ILE A 70 17.46 7.16 -18.80
N GLN A 71 17.55 8.23 -19.56
CA GLN A 71 18.31 8.18 -20.79
C GLN A 71 19.76 7.88 -20.46
N SER A 72 20.24 8.49 -19.38
CA SER A 72 21.61 8.29 -18.92
C SER A 72 21.92 6.87 -18.45
N LEU A 73 20.96 6.25 -17.77
CA LEU A 73 21.15 4.94 -17.15
C LEU A 73 21.43 3.75 -18.08
N GLN A 74 20.75 3.65 -19.22
CA GLN A 74 21.03 2.58 -20.17
C GLN A 74 21.23 3.08 -21.59
N GLN A 75 22.21 2.54 -22.28
CA GLN A 75 22.54 3.00 -23.63
C GLN A 75 21.92 2.20 -24.77
N ASP A 76 21.96 0.89 -24.69
CA ASP A 76 21.44 0.05 -25.75
C ASP A 76 20.56 -1.06 -25.21
N GLY A 77 19.33 -0.73 -24.85
CA GLY A 77 18.46 -1.68 -24.20
C GLY A 77 16.99 -1.35 -24.31
N PHE A 78 16.15 -2.30 -23.91
CA PHE A 78 14.72 -2.11 -23.72
C PHE A 78 14.44 -1.42 -22.39
N ILE A 79 13.21 -1.00 -22.20
CA ILE A 79 12.72 -0.60 -20.88
C ILE A 79 11.32 -1.15 -20.65
N PHE A 80 10.97 -1.41 -19.39
CA PHE A 80 9.60 -1.82 -19.06
C PHE A 80 8.98 -0.92 -18.00
N VAL A 81 7.82 -0.38 -18.31
CA VAL A 81 7.15 0.64 -17.47
C VAL A 81 5.69 0.23 -17.29
N TRP A 82 5.26 -0.02 -16.06
CA TRP A 82 3.89 -0.47 -15.84
C TRP A 82 2.96 0.72 -15.76
N ALA A 83 1.95 0.74 -16.61
CA ALA A 83 1.06 1.88 -16.66
C ALA A 83 -0.34 1.50 -16.26
N ILE A 84 -0.89 2.24 -15.31
CA ILE A 84 -2.26 2.04 -14.89
C ILE A 84 -3.15 2.53 -16.02
N ASN A 85 -4.36 1.98 -16.12
CA ASN A 85 -5.25 2.33 -17.20
C ASN A 85 -5.55 3.81 -17.15
N ALA A 86 -5.70 4.35 -15.96
CA ALA A 86 -5.94 5.76 -15.80
C ALA A 86 -4.76 6.55 -16.33
N LYS A 87 -3.56 6.05 -16.05
CA LYS A 87 -2.32 6.75 -16.38
C LYS A 87 -1.63 6.20 -17.62
N TYR A 88 -2.35 5.44 -18.43
CA TYR A 88 -1.77 4.79 -19.58
C TYR A 88 -1.18 5.69 -20.66
N ARG A 89 -1.91 6.72 -21.09
CA ARG A 89 -1.40 7.57 -22.16
C ARG A 89 -0.17 8.32 -21.73
N VAL A 90 -0.23 8.82 -20.50
CA VAL A 90 0.83 9.65 -19.93
C VAL A 90 2.18 8.99 -20.12
N THR A 91 2.32 7.73 -19.65
CA THR A 91 3.60 7.05 -19.69
C THR A 91 4.06 6.80 -21.12
N ILE A 92 3.12 6.51 -22.02
CA ILE A 92 3.48 6.39 -23.44
C ILE A 92 4.26 7.65 -23.81
N LYS A 93 3.70 8.83 -23.50
CA LYS A 93 4.45 10.05 -23.67
C LYS A 93 5.80 9.93 -23.00
N MET A 94 5.82 9.41 -21.78
CA MET A 94 7.03 9.40 -20.96
C MET A 94 8.14 8.54 -21.58
N ILE A 95 7.86 7.25 -21.84
CA ILE A 95 8.95 6.44 -22.41
C ILE A 95 9.36 7.00 -23.76
N GLU A 96 8.37 7.42 -24.58
CA GLU A 96 8.74 8.00 -25.86
C GLU A 96 9.58 9.24 -25.67
N ASN A 97 9.36 9.96 -24.58
CA ASN A 97 10.16 11.13 -24.29
C ASN A 97 11.63 10.88 -23.99
N TRP A 98 11.95 9.69 -23.51
CA TRP A 98 13.29 9.36 -23.07
C TRP A 98 14.19 8.85 -24.20
N GLY A 99 13.68 8.87 -25.42
CA GLY A 99 14.41 8.40 -26.57
C GLY A 99 14.09 6.99 -27.03
N TYR A 100 13.10 6.39 -26.38
CA TYR A 100 12.54 5.11 -26.78
C TYR A 100 11.58 5.22 -27.95
N LYS A 101 11.32 4.09 -28.58
CA LYS A 101 10.24 3.97 -29.53
C LYS A 101 9.39 2.79 -29.08
N LEU A 102 8.08 2.97 -28.99
CA LEU A 102 7.22 1.92 -28.46
C LEU A 102 7.27 0.70 -29.37
N VAL A 103 7.39 -0.49 -28.78
CA VAL A 103 7.41 -1.69 -29.59
C VAL A 103 6.39 -2.77 -29.20
N ASP A 104 6.33 -3.13 -27.92
CA ASP A 104 5.50 -4.24 -27.45
C ASP A 104 4.84 -3.96 -26.11
N GLU A 105 3.74 -4.67 -25.82
CA GLU A 105 2.99 -4.57 -24.57
C GLU A 105 2.69 -5.93 -23.97
N ILE A 106 2.94 -6.07 -22.67
CA ILE A 106 2.71 -7.33 -22.00
C ILE A 106 1.56 -7.13 -21.04
N THR A 107 0.52 -7.95 -21.20
CA THR A 107 -0.69 -7.79 -20.44
C THR A 107 -0.89 -8.99 -19.54
N TRP A 108 -1.09 -8.72 -18.25
CA TRP A 108 -1.23 -9.76 -17.26
C TRP A 108 -2.66 -9.78 -16.78
N VAL A 109 -3.27 -10.95 -16.81
CA VAL A 109 -4.65 -11.09 -16.39
C VAL A 109 -4.70 -11.91 -15.12
N LYS A 110 -5.36 -11.35 -14.11
CA LYS A 110 -5.31 -11.92 -12.78
C LYS A 110 -6.13 -13.17 -12.74
N LYS A 111 -5.53 -14.21 -12.18
CA LYS A 111 -6.21 -15.46 -12.00
C LYS A 111 -6.43 -15.64 -10.53
N THR A 112 -7.68 -15.83 -10.17
CA THR A 112 -8.04 -16.01 -8.79
C THR A 112 -7.76 -17.47 -8.60
N VAL A 113 -8.27 -18.08 -7.55
CA VAL A 113 -7.90 -19.45 -7.27
C VAL A 113 -8.30 -20.27 -8.49
N ASN A 114 -9.44 -19.97 -9.09
CA ASN A 114 -9.80 -20.54 -10.37
C ASN A 114 -10.36 -19.45 -11.30
N GLY A 115 -10.13 -19.57 -12.59
CA GLY A 115 -10.71 -18.63 -13.53
C GLY A 115 -9.98 -17.31 -13.65
N LYS A 116 -10.65 -16.32 -14.25
CA LYS A 116 -10.05 -15.04 -14.59
C LYS A 116 -10.49 -13.84 -13.75
N ILE A 117 -11.07 -14.07 -12.57
CA ILE A 117 -11.73 -13.00 -11.81
C ILE A 117 -10.78 -11.86 -11.43
N ALA A 118 -11.31 -10.64 -11.42
CA ALA A 118 -10.53 -9.43 -11.16
C ALA A 118 -11.35 -8.34 -10.48
N LYS A 119 -10.66 -7.34 -9.93
CA LYS A 119 -11.30 -6.24 -9.22
C LYS A 119 -12.20 -5.42 -10.14
N GLY A 120 -13.25 -4.86 -9.56
CA GLY A 120 -14.27 -4.16 -10.30
C GLY A 120 -14.13 -2.66 -10.26
N HIS A 121 -13.00 -2.19 -9.76
CA HIS A 121 -12.85 -0.76 -9.57
C HIS A 121 -12.48 -0.16 -10.90
N GLY A 122 -13.38 -0.30 -11.85
CA GLY A 122 -13.25 0.34 -13.14
C GLY A 122 -14.51 1.14 -13.34
N PHE A 123 -14.39 2.42 -13.67
CA PHE A 123 -15.57 3.25 -13.79
C PHE A 123 -16.51 2.83 -14.91
N TYR A 124 -15.97 2.50 -16.06
CA TYR A 124 -16.80 2.06 -17.17
C TYR A 124 -16.65 0.57 -17.38
N LEU A 125 -15.49 0.06 -16.97
CA LEU A 125 -15.17 -1.33 -17.14
C LEU A 125 -14.63 -1.80 -15.83
N GLN A 126 -14.77 -3.08 -15.55
CA GLN A 126 -14.00 -3.70 -14.49
C GLN A 126 -12.59 -3.96 -15.00
N HIS A 127 -11.59 -3.60 -14.22
CA HIS A 127 -10.21 -3.78 -14.67
C HIS A 127 -9.67 -5.05 -14.07
N ALA A 128 -9.56 -6.06 -14.91
CA ALA A 128 -9.10 -7.37 -14.50
C ALA A 128 -7.69 -7.59 -15.00
N LYS A 129 -7.05 -6.53 -15.49
CA LYS A 129 -5.79 -6.65 -16.19
C LYS A 129 -4.81 -5.56 -15.82
N GLU A 130 -3.53 -5.82 -16.05
CA GLU A 130 -2.52 -4.76 -16.04
C GLU A 130 -1.61 -4.87 -17.24
N SER A 131 -1.15 -3.73 -17.72
CA SER A 131 -0.37 -3.65 -18.95
C SER A 131 1.02 -3.11 -18.68
N CYS A 132 2.04 -3.74 -19.25
CA CYS A 132 3.40 -3.29 -19.06
C CYS A 132 3.99 -2.94 -20.42
N LEU A 133 4.26 -1.67 -20.66
CA LEU A 133 4.76 -1.21 -21.94
C LEU A 133 6.18 -1.70 -22.13
N ILE A 134 6.59 -1.86 -23.37
CA ILE A 134 7.99 -2.15 -23.68
C ILE A 134 8.51 -1.07 -24.60
N GLY A 135 9.64 -0.49 -24.27
CA GLY A 135 10.23 0.53 -25.10
C GLY A 135 11.61 0.11 -25.57
N VAL A 136 11.96 0.47 -26.80
CA VAL A 136 13.22 0.05 -27.35
C VAL A 136 14.12 1.23 -27.69
N LYS A 137 15.36 1.20 -27.26
CA LYS A 137 16.36 2.17 -27.71
C LYS A 137 17.72 1.54 -27.96
N GLY A 138 18.41 1.99 -28.99
CA GLY A 138 19.78 1.59 -29.26
C GLY A 138 19.83 0.43 -30.22
N ASP A 139 21.02 -0.11 -30.43
CA ASP A 139 21.10 -1.29 -31.28
C ASP A 139 20.93 -2.57 -30.47
N VAL A 140 19.88 -3.32 -30.78
CA VAL A 140 19.60 -4.59 -30.12
C VAL A 140 19.79 -5.81 -31.03
N ASP A 141 20.37 -5.61 -32.21
CA ASP A 141 20.56 -6.69 -33.16
C ASP A 141 21.48 -7.81 -32.70
N ASN A 142 22.47 -7.46 -31.89
CA ASN A 142 23.58 -8.36 -31.57
C ASN A 142 23.13 -9.54 -30.75
N GLY A 143 24.01 -10.53 -30.60
CA GLY A 143 23.65 -11.87 -30.24
C GLY A 143 22.90 -12.09 -28.95
N ARG A 144 23.22 -11.35 -27.90
CA ARG A 144 22.59 -11.58 -26.60
C ARG A 144 21.08 -11.37 -26.62
N PHE A 145 20.60 -10.39 -27.37
CA PHE A 145 19.18 -10.05 -27.37
C PHE A 145 18.38 -10.97 -28.29
N LYS A 146 18.13 -12.19 -27.81
CA LYS A 146 17.39 -13.21 -28.58
C LYS A 146 15.93 -12.84 -28.74
N LYS A 147 15.31 -13.28 -29.83
CA LYS A 147 14.02 -12.74 -30.26
C LYS A 147 12.88 -13.74 -30.42
N ASN A 148 11.66 -13.21 -30.32
CA ASN A 148 10.43 -13.92 -30.70
C ASN A 148 10.08 -15.20 -29.96
N ILE A 149 10.41 -15.27 -28.68
CA ILE A 149 9.95 -16.36 -27.84
C ILE A 149 9.42 -15.81 -26.53
N ALA A 150 8.29 -15.13 -26.58
CA ALA A 150 7.78 -14.47 -25.38
C ALA A 150 6.28 -14.45 -25.29
N SER A 151 5.79 -14.31 -24.07
CA SER A 151 4.38 -14.27 -23.81
C SER A 151 3.95 -12.83 -23.76
N ASP A 152 3.05 -12.44 -24.64
CA ASP A 152 2.43 -11.14 -24.61
C ASP A 152 1.52 -11.03 -23.39
N VAL A 153 1.07 -12.19 -22.92
CA VAL A 153 0.05 -12.32 -21.89
C VAL A 153 0.50 -13.28 -20.80
N ILE A 154 0.33 -12.87 -19.56
CA ILE A 154 0.68 -13.65 -18.40
C ILE A 154 -0.60 -13.93 -17.64
N PHE A 155 -0.81 -15.17 -17.21
CA PHE A 155 -2.04 -15.49 -16.50
C PHE A 155 -2.01 -15.52 -14.98
N SER A 156 -0.85 -15.30 -14.35
CA SER A 156 -0.72 -15.53 -12.91
C SER A 156 -1.61 -14.63 -12.05
N GLU A 157 -2.15 -15.22 -10.98
CA GLU A 157 -3.04 -14.51 -10.05
C GLU A 157 -2.28 -13.55 -9.13
N ARG A 158 -2.98 -12.56 -8.62
CA ARG A 158 -2.35 -11.47 -7.88
C ARG A 158 -1.64 -12.03 -6.66
N ARG A 159 -0.39 -11.63 -6.49
CA ARG A 159 0.46 -12.12 -5.42
C ARG A 159 0.33 -11.25 -4.18
N GLY A 160 1.06 -11.58 -3.13
CA GLY A 160 0.97 -10.81 -1.91
C GLY A 160 1.34 -9.36 -2.18
N GLN A 161 0.53 -8.46 -1.66
CA GLN A 161 0.55 -7.05 -2.05
C GLN A 161 1.83 -6.30 -1.68
N SER A 162 2.34 -5.50 -2.61
CA SER A 162 1.86 -5.43 -3.99
C SER A 162 2.96 -5.93 -4.91
N GLN A 163 2.67 -6.91 -5.75
CA GLN A 163 3.75 -7.53 -6.52
C GLN A 163 3.38 -7.99 -7.93
N LYS A 164 4.40 -8.05 -8.78
CA LYS A 164 4.23 -8.54 -10.15
C LYS A 164 4.49 -10.04 -10.23
N PRO A 165 3.96 -10.74 -11.23
CA PRO A 165 4.10 -12.19 -11.27
C PRO A 165 5.52 -12.58 -11.60
N GLU A 166 5.86 -13.80 -11.18
CA GLU A 166 7.21 -14.32 -11.35
C GLU A 166 7.57 -14.52 -12.82
N GLU A 167 6.60 -14.72 -13.70
CA GLU A 167 6.94 -15.01 -15.10
C GLU A 167 7.65 -13.86 -15.81
N ILE A 168 7.51 -12.61 -15.33
CA ILE A 168 8.12 -11.48 -16.03
C ILE A 168 9.63 -11.66 -16.07
N TYR A 169 10.25 -11.76 -14.90
CA TYR A 169 11.71 -11.84 -14.89
C TYR A 169 12.18 -13.08 -15.62
N GLN A 170 11.42 -14.17 -15.57
CA GLN A 170 11.75 -15.35 -16.36
C GLN A 170 11.66 -15.05 -17.85
N TYR A 171 10.68 -14.22 -18.21
CA TYR A 171 10.53 -13.68 -19.57
C TYR A 171 11.66 -12.74 -20.01
N ILE A 172 12.02 -11.81 -19.13
CA ILE A 172 13.11 -10.88 -19.37
C ILE A 172 14.41 -11.63 -19.53
N ASN A 173 14.56 -12.69 -18.76
CA ASN A 173 15.76 -13.51 -18.81
C ASN A 173 15.95 -14.13 -20.18
N GLN A 174 14.86 -14.56 -20.80
CA GLN A 174 14.95 -15.12 -22.13
C GLN A 174 15.44 -14.05 -23.08
N LEU A 175 14.94 -12.83 -22.91
CA LEU A 175 15.32 -11.72 -23.77
C LEU A 175 16.78 -11.32 -23.69
N CYS A 176 17.32 -11.27 -22.48
CA CYS A 176 18.70 -10.89 -22.25
C CYS A 176 19.34 -11.89 -21.31
N PRO A 177 19.72 -13.10 -21.90
CA PRO A 177 20.03 -14.15 -20.90
C PRO A 177 21.17 -13.85 -19.93
N ASN A 178 22.25 -13.23 -20.35
CA ASN A 178 23.33 -12.96 -19.40
C ASN A 178 23.75 -11.50 -19.43
N GLY A 179 22.94 -10.65 -18.83
CA GLY A 179 23.12 -9.21 -18.89
C GLY A 179 22.79 -8.49 -17.60
N ASN A 180 23.29 -7.27 -17.48
CA ASN A 180 22.95 -6.43 -16.35
C ASN A 180 21.51 -5.97 -16.43
N TYR A 181 20.79 -6.06 -15.32
CA TYR A 181 19.43 -5.56 -15.23
C TYR A 181 19.34 -4.53 -14.12
N LEU A 182 18.43 -3.58 -14.30
CA LEU A 182 18.14 -2.55 -13.31
C LEU A 182 16.64 -2.45 -13.11
N GLU A 183 16.22 -2.54 -11.86
CA GLU A 183 14.85 -2.24 -11.47
C GLU A 183 14.89 -0.90 -10.74
N ILE A 184 13.87 -0.08 -10.91
CA ILE A 184 13.78 1.20 -10.22
C ILE A 184 12.50 1.27 -9.40
N PHE A 185 12.57 1.93 -8.26
CA PHE A 185 11.45 2.01 -7.34
C PHE A 185 11.03 0.65 -6.78
N ALA A 186 12.02 -0.17 -6.46
CA ALA A 186 11.71 -1.48 -5.93
C ALA A 186 11.86 -1.60 -4.42
N ARG A 187 10.74 -1.83 -3.76
CA ARG A 187 10.75 -2.28 -2.37
C ARG A 187 11.34 -3.65 -2.51
N ARG A 188 12.21 -4.04 -1.59
CA ARG A 188 12.98 -5.24 -1.82
C ARG A 188 12.02 -6.36 -1.52
N ASN A 189 10.91 -6.33 -2.22
CA ASN A 189 9.98 -7.44 -2.30
C ASN A 189 10.50 -8.65 -3.04
N ASN A 190 11.18 -8.41 -4.16
CA ASN A 190 11.75 -9.49 -4.95
C ASN A 190 13.18 -9.19 -5.36
N LEU A 191 14.11 -9.17 -4.41
CA LEU A 191 15.50 -8.95 -4.76
C LEU A 191 15.87 -10.13 -5.62
N HIS A 192 16.56 -9.87 -6.72
CA HIS A 192 16.75 -10.89 -7.74
C HIS A 192 18.19 -11.02 -8.17
N ASP A 193 18.51 -12.16 -8.75
CA ASP A 193 19.84 -12.39 -9.27
C ASP A 193 20.12 -11.45 -10.45
N ASN A 194 21.31 -10.88 -10.44
CA ASN A 194 21.79 -9.95 -11.46
C ASN A 194 20.94 -8.70 -11.58
N TRP A 195 20.04 -8.47 -10.63
CA TRP A 195 19.18 -7.31 -10.65
C TRP A 195 19.59 -6.27 -9.61
N VAL A 196 19.70 -5.02 -10.03
CA VAL A 196 20.07 -3.93 -9.13
C VAL A 196 18.93 -2.94 -8.98
N SER A 197 18.56 -2.64 -7.74
CA SER A 197 17.38 -1.84 -7.46
C SER A 197 17.63 -0.64 -6.56
N ILE A 198 17.07 0.50 -6.92
CA ILE A 198 17.08 1.67 -6.06
C ILE A 198 15.64 2.02 -5.68
N GLY A 199 15.34 2.06 -4.39
CA GLY A 199 13.99 2.20 -3.92
C GLY A 199 13.88 3.06 -2.69
N ASN A 200 12.69 3.54 -2.37
CA ASN A 200 12.52 4.33 -1.16
C ASN A 200 12.63 3.47 0.09
N GLU A 201 11.68 2.57 0.28
CA GLU A 201 11.59 1.87 1.54
C GLU A 201 12.26 0.48 1.55
N LEU A 202 13.09 0.21 0.56
CA LEU A 202 13.77 -1.07 0.53
C LEU A 202 14.59 -1.22 1.80
N ASP B 12 -9.13 -4.09 -5.42
CA ASP B 12 -9.33 -3.96 -3.99
C ASP B 12 -8.51 -2.84 -3.38
N VAL B 13 -8.96 -2.50 -2.19
CA VAL B 13 -8.93 -1.13 -1.67
C VAL B 13 -7.53 -0.71 -1.25
N THR B 14 -6.81 -1.61 -0.58
CA THR B 14 -5.60 -1.25 0.14
C THR B 14 -4.41 -1.03 -0.81
N LYS B 15 -4.36 -1.82 -1.88
CA LYS B 15 -3.45 -1.59 -3.01
C LYS B 15 -3.92 -0.42 -3.89
N LEU B 16 -5.24 -0.24 -4.02
CA LEU B 16 -5.82 0.78 -4.89
C LEU B 16 -5.73 2.18 -4.29
N ASN B 17 -5.72 3.16 -5.18
CA ASN B 17 -5.78 4.56 -4.80
C ASN B 17 -7.07 5.18 -5.30
N PHE B 18 -7.77 5.84 -4.40
CA PHE B 18 -9.09 6.37 -4.67
C PHE B 18 -9.07 7.58 -5.60
N GLN B 19 -7.91 8.17 -5.80
CA GLN B 19 -7.82 9.41 -6.57
C GLN B 19 -8.33 9.22 -7.99
N ALA B 20 -8.00 8.09 -8.62
CA ALA B 20 -8.46 7.86 -9.97
C ALA B 20 -9.97 7.84 -9.88
N LEU B 21 -10.46 7.20 -8.84
CA LEU B 21 -11.90 7.09 -8.63
C LEU B 21 -12.47 8.48 -8.45
N ILE B 22 -11.81 9.30 -7.65
CA ILE B 22 -12.26 10.68 -7.49
C ILE B 22 -12.13 11.45 -8.79
N ASP B 23 -11.03 11.22 -9.50
CA ASP B 23 -10.79 11.90 -10.76
C ASP B 23 -11.83 11.48 -11.78
N ALA B 24 -12.09 10.18 -11.83
CA ALA B 24 -13.14 9.66 -12.69
C ALA B 24 -14.54 10.10 -12.27
N GLN B 25 -14.82 10.04 -10.98
CA GLN B 25 -16.14 10.40 -10.46
C GLN B 25 -16.52 11.87 -10.59
N MET B 26 -15.59 12.76 -10.25
CA MET B 26 -15.87 14.20 -10.20
C MET B 26 -15.86 14.80 -11.60
N ARG B 27 -15.12 14.20 -12.51
CA ARG B 27 -15.04 14.62 -13.89
C ARG B 27 -16.17 14.05 -14.74
N HIS B 28 -16.76 12.92 -14.33
CA HIS B 28 -17.88 12.40 -15.09
C HIS B 28 -19.17 13.11 -14.70
N ALA B 29 -19.46 13.17 -13.42
CA ALA B 29 -20.76 13.66 -12.99
C ALA B 29 -20.69 15.03 -12.33
N GLY B 30 -19.50 15.50 -11.95
CA GLY B 30 -19.38 16.80 -11.32
C GLY B 30 -20.12 16.79 -10.00
N LYS B 31 -20.38 15.59 -9.54
CA LYS B 31 -21.09 15.33 -8.31
C LYS B 31 -20.17 14.45 -7.54
N MET B 32 -20.40 14.30 -6.25
CA MET B 32 -19.70 13.26 -5.55
C MET B 32 -20.70 12.56 -4.65
N PHE B 33 -20.38 11.31 -4.33
CA PHE B 33 -21.38 10.30 -3.98
C PHE B 33 -22.34 10.78 -2.91
N ASP B 34 -23.62 10.79 -3.30
CA ASP B 34 -24.69 11.11 -2.37
C ASP B 34 -24.78 10.06 -1.27
N VAL B 35 -24.52 8.80 -1.56
CA VAL B 35 -24.63 7.80 -0.52
C VAL B 35 -23.42 6.89 -0.62
N ILE B 36 -23.03 6.30 0.51
CA ILE B 36 -21.93 5.34 0.52
C ILE B 36 -22.24 4.22 1.49
N MET B 37 -22.08 2.99 1.05
CA MET B 37 -22.40 1.88 1.91
C MET B 37 -21.14 1.03 2.05
N MET B 38 -20.91 0.50 3.27
CA MET B 38 -19.79 -0.41 3.51
C MET B 38 -20.27 -1.67 4.22
N ASP B 39 -19.55 -2.75 3.95
CA ASP B 39 -19.69 -4.01 4.69
C ASP B 39 -18.27 -4.49 4.94
N PRO B 40 -17.62 -4.01 6.01
CA PRO B 40 -16.20 -4.28 6.18
C PRO B 40 -15.93 -5.77 6.41
N PRO B 41 -14.77 -6.29 5.91
CA PRO B 41 -14.40 -7.73 5.99
C PRO B 41 -13.63 -8.13 7.24
N TRP B 42 -14.30 -8.05 8.39
CA TRP B 42 -13.66 -8.32 9.67
C TRP B 42 -13.07 -9.75 9.68
N GLN B 43 -12.24 -10.01 10.67
CA GLN B 43 -11.57 -11.32 10.79
C GLN B 43 -12.57 -12.44 11.17
N TYR B 57 -15.05 -14.53 6.28
CA TYR B 57 -15.04 -13.37 5.41
C TYR B 57 -13.62 -13.09 4.93
N ASP B 58 -13.47 -12.10 4.06
CA ASP B 58 -12.15 -11.64 3.62
C ASP B 58 -11.49 -11.09 4.87
N SER B 59 -10.19 -11.32 5.04
CA SER B 59 -9.56 -10.94 6.29
C SER B 59 -8.86 -9.60 6.19
N LEU B 60 -9.40 -8.62 6.92
CA LEU B 60 -8.76 -7.32 7.10
C LEU B 60 -8.78 -6.90 8.57
N SER B 61 -7.64 -6.45 9.07
CA SER B 61 -7.56 -5.95 10.43
C SER B 61 -8.32 -4.64 10.50
N ASP B 62 -8.86 -4.31 11.67
CA ASP B 62 -9.72 -3.15 11.79
C ASP B 62 -8.97 -1.90 11.38
N GLU B 63 -7.70 -1.84 11.77
CA GLU B 63 -6.90 -0.65 11.51
C GLU B 63 -6.77 -0.39 10.02
N LYS B 64 -6.58 -1.45 9.24
CA LYS B 64 -6.44 -1.26 7.81
C LYS B 64 -7.73 -0.68 7.25
N ILE B 65 -8.86 -1.16 7.74
CA ILE B 65 -10.17 -0.68 7.34
C ILE B 65 -10.41 0.78 7.73
N GLN B 66 -9.98 1.12 8.93
CA GLN B 66 -10.23 2.44 9.50
C GLN B 66 -9.58 3.62 8.77
N ASN B 67 -8.36 3.42 8.29
CA ASN B 67 -7.54 4.52 7.79
C ASN B 67 -7.77 4.95 6.34
N MET B 68 -8.63 4.25 5.62
CA MET B 68 -8.92 4.56 4.24
C MET B 68 -9.43 5.98 4.13
N PRO B 69 -9.06 6.70 2.98
CA PRO B 69 -9.60 8.07 2.96
C PRO B 69 -11.00 8.07 2.39
N ILE B 70 -11.92 7.44 3.10
CA ILE B 70 -13.31 7.40 2.73
C ILE B 70 -13.86 8.81 2.74
N GLN B 71 -13.37 9.61 3.68
CA GLN B 71 -13.83 10.98 3.86
C GLN B 71 -13.58 11.79 2.60
N SER B 72 -12.56 11.42 1.85
CA SER B 72 -12.29 12.07 0.58
C SER B 72 -13.47 11.81 -0.33
N LEU B 73 -13.94 10.56 -0.30
CA LEU B 73 -15.04 10.12 -1.16
C LEU B 73 -16.38 10.79 -0.88
N GLN B 74 -16.72 11.00 0.39
CA GLN B 74 -18.01 11.59 0.72
C GLN B 74 -17.90 12.98 1.29
N GLN B 75 -18.55 13.92 0.63
CA GLN B 75 -18.79 15.25 1.15
C GLN B 75 -20.25 15.52 0.86
N ASP B 76 -20.97 16.09 1.81
CA ASP B 76 -22.39 16.32 1.61
C ASP B 76 -23.14 15.05 1.20
N GLY B 77 -22.85 13.95 1.87
CA GLY B 77 -23.55 12.71 1.60
C GLY B 77 -23.80 11.83 2.81
N PHE B 78 -24.84 11.01 2.74
CA PHE B 78 -25.11 10.00 3.75
C PHE B 78 -24.11 8.87 3.62
N ILE B 79 -23.88 8.13 4.71
CA ILE B 79 -23.05 6.93 4.67
C ILE B 79 -23.71 5.77 5.41
N PHE B 80 -23.54 4.56 4.88
CA PHE B 80 -24.11 3.37 5.48
C PHE B 80 -23.02 2.35 5.75
N VAL B 81 -23.06 1.65 6.89
CA VAL B 81 -22.01 0.68 7.21
C VAL B 81 -22.63 -0.48 7.99
N TRP B 82 -22.39 -1.73 7.54
CA TRP B 82 -23.06 -2.89 8.12
C TRP B 82 -22.24 -3.41 9.30
N ALA B 83 -22.80 -3.29 10.50
CA ALA B 83 -22.10 -3.60 11.74
C ALA B 83 -22.63 -4.90 12.32
N ILE B 84 -21.80 -5.95 12.26
CA ILE B 84 -21.99 -7.10 13.14
C ILE B 84 -21.86 -6.65 14.60
N ASN B 85 -22.46 -7.42 15.51
CA ASN B 85 -22.54 -6.95 16.89
C ASN B 85 -21.16 -6.81 17.53
N ALA B 86 -20.28 -7.79 17.33
CA ALA B 86 -18.92 -7.69 17.84
C ALA B 86 -18.29 -6.35 17.46
N LYS B 87 -18.45 -5.93 16.20
CA LYS B 87 -17.85 -4.72 15.69
C LYS B 87 -18.78 -3.51 15.78
N TYR B 88 -19.81 -3.62 16.61
CA TYR B 88 -20.80 -2.55 16.79
C TYR B 88 -20.25 -1.27 17.39
N ARG B 89 -19.51 -1.39 18.49
CA ARG B 89 -18.88 -0.21 19.08
C ARG B 89 -17.80 0.42 18.22
N VAL B 90 -16.95 -0.40 17.62
CA VAL B 90 -15.91 0.13 16.77
C VAL B 90 -16.54 0.81 15.59
N THR B 91 -17.60 0.21 15.06
CA THR B 91 -18.25 0.72 13.87
C THR B 91 -18.83 2.11 14.09
N ILE B 92 -19.47 2.34 15.24
CA ILE B 92 -19.95 3.68 15.55
C ILE B 92 -18.84 4.67 15.76
N LYS B 93 -17.82 4.26 16.49
CA LYS B 93 -16.73 5.18 16.77
C LYS B 93 -16.05 5.51 15.48
N MET B 94 -15.85 4.50 14.65
CA MET B 94 -15.15 4.72 13.40
C MET B 94 -15.89 5.68 12.49
N ILE B 95 -17.20 5.58 12.44
CA ILE B 95 -17.98 6.44 11.57
C ILE B 95 -17.73 7.87 11.99
N GLU B 96 -17.60 8.11 13.28
CA GLU B 96 -17.33 9.45 13.79
C GLU B 96 -15.99 10.04 13.39
N ASN B 97 -15.00 9.19 13.20
CA ASN B 97 -13.66 9.64 12.78
C ASN B 97 -13.66 10.31 11.41
N TRP B 98 -14.50 9.82 10.53
CA TRP B 98 -14.60 10.34 9.18
C TRP B 98 -15.32 11.69 9.10
N GLY B 99 -15.89 12.14 10.20
CA GLY B 99 -16.65 13.38 10.23
C GLY B 99 -18.16 13.34 10.04
N TYR B 100 -18.71 12.14 9.92
CA TYR B 100 -20.16 11.97 9.85
C TYR B 100 -20.79 12.12 11.23
N LYS B 101 -22.10 12.31 11.29
CA LYS B 101 -22.82 12.28 12.56
C LYS B 101 -23.96 11.25 12.53
N LEU B 102 -24.01 10.38 13.54
CA LEU B 102 -25.00 9.32 13.53
C LEU B 102 -26.39 9.89 13.65
N VAL B 103 -27.28 9.49 12.75
CA VAL B 103 -28.67 9.93 12.83
C VAL B 103 -29.67 8.78 12.82
N ASP B 104 -29.22 7.58 12.45
CA ASP B 104 -30.13 6.47 12.32
C ASP B 104 -29.45 5.11 12.33
N GLU B 105 -30.26 4.07 12.51
CA GLU B 105 -29.82 2.69 12.36
C GLU B 105 -30.90 2.00 11.54
N ILE B 106 -30.53 0.93 10.86
CA ILE B 106 -31.46 0.21 9.98
C ILE B 106 -31.47 -1.28 10.25
N THR B 107 -32.18 -1.70 11.29
CA THR B 107 -32.19 -3.09 11.73
C THR B 107 -32.78 -4.04 10.70
N TRP B 108 -32.21 -5.24 10.57
CA TRP B 108 -32.68 -6.18 9.57
C TRP B 108 -33.01 -7.52 10.22
N VAL B 109 -34.26 -7.93 10.16
CA VAL B 109 -34.67 -9.16 10.84
C VAL B 109 -34.95 -10.24 9.82
N LYS B 110 -34.36 -11.41 10.03
CA LYS B 110 -34.32 -12.43 9.02
C LYS B 110 -35.30 -13.53 9.36
N LYS B 111 -36.09 -13.92 8.37
CA LYS B 111 -37.17 -14.86 8.59
C LYS B 111 -36.99 -16.16 7.82
N THR B 112 -37.05 -17.29 8.51
CA THR B 112 -37.10 -18.58 7.83
C THR B 112 -38.48 -18.66 7.25
N VAL B 113 -38.68 -19.42 6.19
CA VAL B 113 -40.01 -19.51 5.60
C VAL B 113 -40.98 -20.19 6.56
N ASN B 114 -42.26 -19.84 6.45
CA ASN B 114 -43.32 -20.37 7.29
C ASN B 114 -43.42 -19.66 8.64
N GLY B 115 -42.72 -18.53 8.75
CA GLY B 115 -42.67 -17.75 9.96
C GLY B 115 -41.61 -16.72 9.69
N LYS B 116 -41.14 -16.02 10.70
CA LYS B 116 -39.91 -15.25 10.57
C LYS B 116 -38.95 -15.68 11.66
N ILE B 117 -37.82 -16.24 11.28
CA ILE B 117 -36.89 -16.72 12.29
C ILE B 117 -35.48 -16.83 11.78
N ALA B 118 -34.55 -16.85 12.70
CA ALA B 118 -33.15 -17.04 12.35
C ALA B 118 -32.41 -17.55 13.56
N LYS B 119 -31.22 -18.07 13.32
CA LYS B 119 -30.35 -18.58 14.36
C LYS B 119 -29.70 -17.51 15.22
N GLY B 120 -29.47 -17.85 16.48
CA GLY B 120 -28.54 -17.14 17.32
C GLY B 120 -27.56 -18.11 17.94
N HIS B 121 -26.30 -18.00 17.58
CA HIS B 121 -25.30 -18.87 18.13
C HIS B 121 -25.17 -18.67 19.65
N GLY B 122 -25.19 -17.40 20.05
CA GLY B 122 -24.92 -17.03 21.43
C GLY B 122 -24.75 -15.53 21.41
N PHE B 123 -24.25 -14.95 22.49
CA PHE B 123 -23.89 -15.65 23.70
C PHE B 123 -24.90 -15.24 24.75
N TYR B 124 -25.01 -13.93 24.97
CA TYR B 124 -26.02 -13.35 25.85
C TYR B 124 -27.45 -13.48 25.38
N LEU B 125 -27.68 -13.30 24.09
CA LEU B 125 -29.03 -13.25 23.52
C LEU B 125 -29.08 -13.94 22.17
N GLN B 126 -30.28 -14.21 21.67
CA GLN B 126 -30.41 -14.85 20.37
C GLN B 126 -30.34 -13.84 19.25
N HIS B 127 -29.40 -14.03 18.33
CA HIS B 127 -29.15 -13.05 17.27
C HIS B 127 -30.12 -13.24 16.09
N ALA B 128 -31.09 -12.34 15.90
CA ALA B 128 -31.97 -12.44 14.73
C ALA B 128 -31.89 -11.25 13.77
N LYS B 129 -30.80 -10.49 13.78
CA LYS B 129 -30.81 -9.21 13.10
C LYS B 129 -29.40 -8.78 12.73
N GLU B 130 -29.33 -7.75 11.88
CA GLU B 130 -28.07 -7.08 11.53
C GLU B 130 -28.38 -5.63 11.26
N SER B 131 -27.43 -4.76 11.61
CA SER B 131 -27.68 -3.33 11.64
C SER B 131 -26.76 -2.59 10.68
N CYS B 132 -27.27 -1.44 10.20
CA CYS B 132 -26.56 -0.67 9.17
C CYS B 132 -26.61 0.80 9.58
N LEU B 133 -25.58 1.24 10.31
CA LEU B 133 -25.56 2.59 10.85
C LEU B 133 -25.44 3.63 9.74
N ILE B 134 -26.08 4.77 9.95
CA ILE B 134 -26.24 5.80 8.94
C ILE B 134 -25.58 7.05 9.46
N GLY B 135 -24.52 7.49 8.81
CA GLY B 135 -23.87 8.76 9.16
C GLY B 135 -24.07 9.77 8.04
N VAL B 136 -24.30 11.03 8.43
CA VAL B 136 -24.67 12.12 7.53
C VAL B 136 -23.65 13.25 7.70
N LYS B 137 -23.52 14.10 6.68
CA LYS B 137 -22.63 15.25 6.79
C LYS B 137 -23.02 16.31 5.76
N GLY B 138 -22.37 17.47 5.90
CA GLY B 138 -22.43 18.49 4.85
C GLY B 138 -23.73 19.25 4.94
N ASP B 139 -24.39 19.45 3.80
CA ASP B 139 -25.74 19.99 3.79
C ASP B 139 -26.70 19.02 3.12
N VAL B 140 -27.82 18.74 3.78
CA VAL B 140 -28.84 17.85 3.25
C VAL B 140 -30.19 18.52 2.95
N ASP B 141 -30.26 19.84 3.08
CA ASP B 141 -31.50 20.58 2.89
C ASP B 141 -32.00 20.50 1.46
N ASN B 142 -31.11 20.22 0.53
CA ASN B 142 -31.41 20.30 -0.88
C ASN B 142 -32.51 19.31 -1.21
N GLY B 143 -33.21 19.56 -2.30
CA GLY B 143 -34.38 18.79 -2.67
C GLY B 143 -34.08 17.33 -2.89
N ARG B 144 -32.83 17.01 -3.18
CA ARG B 144 -32.45 15.65 -3.52
C ARG B 144 -32.71 14.65 -2.41
N PHE B 145 -32.44 15.04 -1.17
CA PHE B 145 -32.62 14.11 -0.06
C PHE B 145 -34.01 14.23 0.53
N LYS B 146 -34.68 13.10 0.71
CA LYS B 146 -36.04 13.10 1.22
C LYS B 146 -36.05 12.63 2.66
N LYS B 147 -36.62 13.44 3.53
CA LYS B 147 -36.58 13.17 4.97
C LYS B 147 -37.32 11.95 5.52
N ASN B 148 -38.54 11.70 5.05
CA ASN B 148 -39.41 10.72 5.69
C ASN B 148 -39.73 9.45 4.92
N ILE B 149 -38.91 9.12 3.93
CA ILE B 149 -39.27 8.13 2.91
C ILE B 149 -38.85 6.70 3.19
N ALA B 150 -38.36 6.44 4.40
CA ALA B 150 -37.77 5.15 4.73
C ALA B 150 -38.25 4.58 6.05
N SER B 151 -37.97 3.31 6.30
CA SER B 151 -38.23 2.70 7.61
C SER B 151 -37.00 2.00 8.20
N ASP B 152 -36.96 1.89 9.52
CA ASP B 152 -35.81 1.31 10.22
C ASP B 152 -35.63 -0.17 9.96
N VAL B 153 -36.73 -0.90 9.91
CA VAL B 153 -36.66 -2.35 9.92
C VAL B 153 -37.00 -2.96 8.57
N ILE B 154 -36.22 -3.96 8.21
CA ILE B 154 -36.40 -4.72 6.98
C ILE B 154 -36.69 -6.15 7.38
N PHE B 155 -37.55 -6.83 6.63
CA PHE B 155 -37.89 -8.21 6.95
C PHE B 155 -37.27 -9.24 6.00
N SER B 156 -36.29 -8.84 5.22
CA SER B 156 -35.68 -9.72 4.22
C SER B 156 -34.93 -10.89 4.83
N GLU B 157 -34.94 -12.02 4.14
CA GLU B 157 -34.31 -13.24 4.63
C GLU B 157 -32.86 -13.48 4.20
N ARG B 158 -32.36 -14.64 4.58
CA ARG B 158 -30.96 -15.02 4.47
C ARG B 158 -30.44 -15.11 3.04
N ARG B 159 -31.33 -15.24 2.07
CA ARG B 159 -30.92 -15.64 0.74
C ARG B 159 -29.85 -14.71 0.19
N GLY B 160 -28.90 -15.30 -0.51
CA GLY B 160 -27.72 -14.59 -0.99
C GLY B 160 -26.56 -14.60 -0.03
N GLN B 161 -26.62 -15.42 1.00
CA GLN B 161 -25.59 -15.35 2.03
C GLN B 161 -24.19 -15.60 1.44
N SER B 162 -23.24 -14.70 1.71
CA SER B 162 -23.50 -13.44 2.40
C SER B 162 -23.84 -12.34 1.40
N GLN B 163 -25.10 -11.91 1.42
CA GLN B 163 -25.59 -10.80 0.62
C GLN B 163 -26.60 -10.03 1.45
N LYS B 164 -26.77 -8.75 1.14
CA LYS B 164 -27.72 -7.91 1.85
C LYS B 164 -29.00 -7.76 1.05
N PRO B 165 -30.19 -7.75 1.79
CA PRO B 165 -31.40 -7.84 0.95
C PRO B 165 -31.63 -6.70 -0.03
N GLU B 166 -32.13 -7.08 -1.20
CA GLU B 166 -32.41 -6.19 -2.30
C GLU B 166 -33.21 -4.98 -1.84
N GLU B 167 -33.91 -5.13 -0.73
CA GLU B 167 -34.67 -4.03 -0.15
C GLU B 167 -33.81 -2.93 0.48
N ILE B 168 -32.51 -3.18 0.67
CA ILE B 168 -31.58 -2.09 1.00
C ILE B 168 -31.33 -1.07 -0.12
N TYR B 169 -31.18 -1.55 -1.34
CA TYR B 169 -31.02 -0.69 -2.51
C TYR B 169 -32.26 0.10 -2.86
N GLN B 170 -33.41 -0.51 -2.66
CA GLN B 170 -34.70 0.11 -2.79
C GLN B 170 -34.92 1.24 -1.78
N TYR B 171 -34.47 1.03 -0.55
CA TYR B 171 -34.55 2.03 0.49
C TYR B 171 -33.67 3.25 0.22
N ILE B 172 -32.49 2.99 -0.32
CA ILE B 172 -31.53 4.05 -0.59
C ILE B 172 -31.97 5.04 -1.65
N ASN B 173 -32.62 4.56 -2.71
CA ASN B 173 -33.03 5.45 -3.77
C ASN B 173 -34.01 6.50 -3.29
N GLN B 174 -34.91 6.10 -2.40
CA GLN B 174 -35.89 7.04 -1.86
C GLN B 174 -35.16 8.13 -1.10
N LEU B 175 -34.15 7.75 -0.34
CA LEU B 175 -33.46 8.71 0.50
C LEU B 175 -32.81 9.79 -0.34
N CYS B 176 -32.14 9.38 -1.41
CA CYS B 176 -31.59 10.34 -2.37
C CYS B 176 -32.02 9.92 -3.75
N PRO B 177 -32.72 10.88 -4.50
CA PRO B 177 -33.17 10.38 -5.80
C PRO B 177 -32.29 10.81 -6.97
N ASN B 178 -31.87 9.83 -7.76
CA ASN B 178 -31.10 10.05 -8.99
C ASN B 178 -29.73 10.70 -8.83
N GLY B 179 -29.10 10.44 -7.68
CA GLY B 179 -27.72 10.79 -7.41
C GLY B 179 -26.83 9.66 -7.86
N ASN B 180 -25.54 9.73 -7.53
CA ASN B 180 -24.66 8.60 -7.79
C ASN B 180 -24.16 7.98 -6.50
N TYR B 181 -24.50 6.71 -6.26
CA TYR B 181 -24.07 5.99 -5.07
C TYR B 181 -22.83 5.15 -5.33
N LEU B 182 -22.05 4.95 -4.27
CA LEU B 182 -20.86 4.12 -4.29
C LEU B 182 -20.92 3.07 -3.19
N GLU B 183 -20.50 1.84 -3.51
CA GLU B 183 -20.43 0.78 -2.51
C GLU B 183 -19.02 0.30 -2.33
N ILE B 184 -18.64 0.01 -1.09
CA ILE B 184 -17.30 -0.49 -0.82
C ILE B 184 -17.32 -1.93 -0.35
N PHE B 185 -16.34 -2.71 -0.81
CA PHE B 185 -16.34 -4.15 -0.57
C PHE B 185 -17.58 -4.89 -1.10
N ALA B 186 -17.83 -4.69 -2.39
CA ALA B 186 -18.96 -5.28 -3.14
C ALA B 186 -18.84 -6.75 -3.60
N ARG B 187 -19.92 -7.26 -4.16
CA ARG B 187 -20.00 -8.65 -4.54
C ARG B 187 -20.60 -8.73 -5.92
N ARG B 188 -20.47 -9.86 -6.57
CA ARG B 188 -21.01 -10.03 -7.90
C ARG B 188 -22.50 -9.76 -7.82
N ASN B 189 -23.06 -10.02 -6.64
CA ASN B 189 -24.48 -9.83 -6.36
C ASN B 189 -24.93 -8.39 -6.58
N ASN B 190 -24.12 -7.44 -6.10
CA ASN B 190 -24.52 -6.04 -6.00
C ASN B 190 -24.33 -5.16 -7.25
N LEU B 191 -25.04 -5.47 -8.33
CA LEU B 191 -25.01 -4.58 -9.48
C LEU B 191 -26.41 -4.06 -9.79
N HIS B 192 -26.56 -2.76 -9.57
CA HIS B 192 -27.84 -2.07 -9.55
C HIS B 192 -27.60 -0.78 -10.30
N ASP B 193 -28.66 -0.10 -10.66
CA ASP B 193 -28.51 1.10 -11.47
C ASP B 193 -27.78 2.16 -10.67
N ASN B 194 -26.82 2.83 -11.31
CA ASN B 194 -26.15 4.01 -10.75
C ASN B 194 -25.44 3.71 -9.44
N TRP B 195 -24.99 2.47 -9.32
CA TRP B 195 -24.16 2.06 -8.20
C TRP B 195 -22.75 1.81 -8.69
N VAL B 196 -21.78 2.30 -7.93
CA VAL B 196 -20.39 2.17 -8.28
C VAL B 196 -19.68 1.47 -7.14
N SER B 197 -18.77 0.56 -7.48
CA SER B 197 -18.15 -0.27 -6.47
C SER B 197 -16.64 -0.22 -6.54
N ILE B 198 -16.01 -0.39 -5.39
CA ILE B 198 -14.61 -0.76 -5.32
C ILE B 198 -14.61 -2.09 -4.59
N GLY B 199 -14.14 -3.14 -5.26
CA GLY B 199 -14.31 -4.48 -4.76
C GLY B 199 -13.32 -5.47 -5.33
N ASN B 200 -13.25 -6.66 -4.73
CA ASN B 200 -12.33 -7.69 -5.19
C ASN B 200 -13.04 -8.78 -5.98
N GLU B 201 -12.64 -8.95 -7.23
CA GLU B 201 -13.17 -10.03 -8.04
C GLU B 201 -14.69 -9.99 -8.07
N LEU B 202 -15.25 -8.78 -8.14
CA LEU B 202 -16.70 -8.59 -8.08
C LEU B 202 -17.45 -9.60 -8.93
N SER C 11 23.62 34.59 0.08
CA SER C 11 24.56 34.71 -1.01
C SER C 11 24.69 33.41 -1.79
N ASP C 12 25.69 33.36 -2.64
CA ASP C 12 26.18 32.10 -3.19
C ASP C 12 27.68 32.10 -2.98
N VAL C 13 28.17 31.04 -2.37
CA VAL C 13 29.55 31.01 -1.91
C VAL C 13 30.48 31.20 -3.10
N THR C 14 30.19 30.53 -4.19
CA THR C 14 30.96 30.71 -5.40
C THR C 14 30.76 32.16 -5.81
N LYS C 15 29.52 32.60 -5.68
CA LYS C 15 29.16 33.98 -5.99
C LYS C 15 29.88 34.93 -5.04
N LEU C 16 29.90 34.54 -3.77
CA LEU C 16 30.32 35.43 -2.71
C LEU C 16 31.80 35.72 -2.60
N ASN C 17 32.15 36.98 -2.37
CA ASN C 17 33.48 37.29 -1.93
C ASN C 17 33.51 36.79 -0.50
N PHE C 18 34.51 35.98 -0.17
CA PHE C 18 34.64 35.55 1.20
C PHE C 18 35.47 36.58 1.96
N GLN C 19 36.16 37.42 1.22
CA GLN C 19 36.99 38.49 1.77
C GLN C 19 36.17 39.55 2.50
N ALA C 20 34.96 39.83 2.01
CA ALA C 20 34.04 40.77 2.65
C ALA C 20 33.57 40.36 4.04
N LEU C 21 33.27 39.08 4.24
CA LEU C 21 32.91 38.59 5.57
C LEU C 21 34.01 38.62 6.65
N ILE C 22 35.23 38.27 6.28
CA ILE C 22 36.32 38.16 7.25
C ILE C 22 36.61 39.49 7.91
N ASP C 23 36.66 40.56 7.11
CA ASP C 23 37.07 41.84 7.64
C ASP C 23 36.07 42.22 8.69
N ALA C 24 34.81 41.94 8.41
CA ALA C 24 33.78 42.12 9.42
C ALA C 24 33.84 41.16 10.62
N GLN C 25 34.04 39.87 10.37
CA GLN C 25 33.97 38.92 11.49
C GLN C 25 35.07 38.97 12.51
N MET C 26 36.31 38.96 12.06
CA MET C 26 37.40 38.84 12.99
C MET C 26 37.54 40.08 13.85
N ARG C 27 37.37 41.22 13.21
CA ARG C 27 37.45 42.51 13.88
C ARG C 27 36.36 42.70 14.94
N HIS C 28 35.15 42.19 14.67
CA HIS C 28 34.07 42.18 15.65
C HIS C 28 34.38 41.31 16.88
N ALA C 29 34.96 40.12 16.66
CA ALA C 29 35.24 39.24 17.78
C ALA C 29 36.70 39.10 18.13
N GLY C 30 37.57 39.35 17.16
CA GLY C 30 38.99 39.21 17.38
C GLY C 30 39.40 37.75 17.26
N LYS C 31 38.40 36.89 17.12
CA LYS C 31 38.60 35.46 16.92
C LYS C 31 37.86 35.03 15.68
N MET C 32 38.55 34.25 14.84
CA MET C 32 37.95 33.59 13.71
C MET C 32 37.16 32.40 14.22
N PHE C 33 36.29 31.84 13.39
CA PHE C 33 35.39 30.81 13.85
C PHE C 33 36.16 29.63 14.40
N ASP C 34 35.68 29.13 15.53
CA ASP C 34 36.16 27.88 16.08
C ASP C 34 35.80 26.71 15.18
N VAL C 35 34.58 26.71 14.64
CA VAL C 35 34.11 25.61 13.80
C VAL C 35 33.22 26.04 12.62
N ILE C 36 33.30 25.29 11.52
CA ILE C 36 32.51 25.56 10.33
C ILE C 36 31.98 24.25 9.77
N MET C 37 30.79 24.24 9.21
CA MET C 37 30.24 22.97 8.73
C MET C 37 29.75 23.08 7.31
N MET C 38 29.81 21.98 6.56
CA MET C 38 29.30 21.96 5.19
C MET C 38 28.64 20.66 4.78
N ASP C 39 27.68 20.74 3.87
CA ASP C 39 27.10 19.60 3.17
C ASP C 39 27.14 19.99 1.70
N PRO C 40 28.40 19.87 1.10
CA PRO C 40 28.46 20.45 -0.25
C PRO C 40 27.52 19.81 -1.25
N PRO C 41 26.94 20.70 -2.17
CA PRO C 41 25.96 20.07 -3.07
C PRO C 41 26.50 19.01 -3.99
N TRP C 42 27.69 19.20 -4.54
CA TRP C 42 28.24 18.28 -5.51
C TRP C 42 27.51 18.42 -6.83
N TYR C 57 19.06 24.46 -4.26
CA TYR C 57 20.52 24.49 -4.30
C TYR C 57 21.00 23.12 -4.72
N ASP C 58 21.64 23.04 -5.87
CA ASP C 58 22.20 21.77 -6.29
C ASP C 58 23.19 21.88 -7.44
N SER C 59 23.84 20.77 -7.75
CA SER C 59 24.64 20.65 -8.94
C SER C 59 25.81 21.62 -9.09
N LEU C 60 26.50 21.90 -7.99
CA LEU C 60 27.73 22.67 -8.10
C LEU C 60 28.80 21.80 -8.73
N SER C 61 29.67 22.39 -9.54
CA SER C 61 30.76 21.62 -10.13
C SER C 61 31.73 21.19 -9.05
N ASP C 62 32.34 20.03 -9.21
CA ASP C 62 33.21 19.47 -8.19
C ASP C 62 34.40 20.38 -7.93
N GLU C 63 34.94 20.96 -9.00
CA GLU C 63 36.08 21.86 -8.86
C GLU C 63 35.75 23.10 -8.06
N LYS C 64 34.57 23.67 -8.29
CA LYS C 64 34.25 24.93 -7.64
C LYS C 64 34.24 24.75 -6.15
N ILE C 65 33.64 23.65 -5.70
CA ILE C 65 33.59 23.37 -4.28
C ILE C 65 35.03 23.22 -3.86
N GLN C 66 35.81 22.60 -4.73
CA GLN C 66 37.22 22.33 -4.49
C GLN C 66 37.99 23.62 -4.32
N ASN C 67 37.49 24.71 -4.88
CA ASN C 67 38.21 25.97 -4.80
C ASN C 67 37.33 27.07 -4.22
N MET C 68 37.02 26.89 -2.93
CA MET C 68 36.42 27.92 -2.10
C MET C 68 37.40 28.02 -0.95
N PRO C 69 37.79 29.31 -0.57
CA PRO C 69 38.85 29.29 0.45
C PRO C 69 38.29 29.19 1.86
N ILE C 70 38.33 27.96 2.35
CA ILE C 70 38.08 27.60 3.74
C ILE C 70 39.32 27.96 4.53
N GLN C 71 40.46 27.82 3.87
CA GLN C 71 41.74 28.05 4.51
C GLN C 71 41.76 29.47 5.03
N SER C 72 41.26 30.41 4.24
CA SER C 72 41.05 31.78 4.70
C SER C 72 39.98 32.00 5.77
N LEU C 73 38.83 31.37 5.60
CA LEU C 73 37.69 31.62 6.48
C LEU C 73 37.91 31.22 7.93
N GLN C 74 38.50 30.05 8.13
CA GLN C 74 38.86 29.62 9.46
C GLN C 74 40.29 29.24 9.38
N GLN C 75 41.13 29.89 10.18
CA GLN C 75 42.56 29.62 10.14
C GLN C 75 43.01 28.73 11.29
N ASP C 76 42.14 28.51 12.26
CA ASP C 76 42.41 27.61 13.34
C ASP C 76 41.10 27.00 13.76
N GLY C 77 41.11 25.76 14.24
CA GLY C 77 39.88 25.15 14.69
C GLY C 77 39.62 23.70 14.27
N PHE C 78 38.36 23.33 14.32
CA PHE C 78 37.85 22.04 13.88
C PHE C 78 36.89 22.37 12.76
N ILE C 79 36.88 21.57 11.71
CA ILE C 79 35.92 21.76 10.63
C ILE C 79 35.14 20.48 10.38
N PHE C 80 33.83 20.58 10.24
CA PHE C 80 33.01 19.42 9.99
C PHE C 80 32.39 19.44 8.62
N VAL C 81 32.63 18.38 7.85
CA VAL C 81 32.13 18.27 6.50
C VAL C 81 31.32 17.00 6.45
N TRP C 82 30.16 17.05 5.79
CA TRP C 82 29.32 15.88 5.63
C TRP C 82 29.50 15.40 4.21
N ALA C 83 29.80 14.12 4.05
CA ALA C 83 29.97 13.57 2.71
C ALA C 83 29.07 12.38 2.41
N ILE C 84 28.41 12.48 1.27
CA ILE C 84 27.61 11.42 0.74
C ILE C 84 28.59 10.38 0.27
N ASN C 85 28.18 9.12 0.29
CA ASN C 85 29.13 8.06 0.01
C ASN C 85 29.73 8.24 -1.36
N ALA C 86 28.94 8.72 -2.30
CA ALA C 86 29.34 8.73 -3.69
C ALA C 86 30.62 9.53 -3.89
N LYS C 87 30.80 10.57 -3.08
CA LYS C 87 32.03 11.34 -3.13
C LYS C 87 32.60 11.39 -1.72
N TYR C 88 33.15 10.25 -1.29
CA TYR C 88 33.62 10.11 0.07
C TYR C 88 35.11 10.36 0.22
N ARG C 89 35.92 9.66 -0.55
CA ARG C 89 37.35 9.94 -0.54
C ARG C 89 37.60 11.32 -1.14
N VAL C 90 36.81 11.65 -2.14
CA VAL C 90 37.00 12.86 -2.89
C VAL C 90 36.89 14.01 -1.91
N THR C 91 35.99 13.88 -0.94
CA THR C 91 35.88 14.84 0.13
C THR C 91 37.16 14.90 0.94
N ILE C 92 37.77 13.75 1.19
CA ILE C 92 38.96 13.73 2.03
C ILE C 92 40.14 14.48 1.46
N LYS C 93 40.40 14.37 0.17
CA LYS C 93 41.54 15.07 -0.41
C LYS C 93 41.38 16.57 -0.31
N MET C 94 40.18 17.07 -0.59
CA MET C 94 39.98 18.50 -0.60
C MET C 94 40.23 19.08 0.78
N ILE C 95 39.72 18.44 1.82
CA ILE C 95 39.95 18.93 3.17
C ILE C 95 41.42 18.88 3.47
N GLU C 96 42.08 17.83 3.01
CA GLU C 96 43.51 17.67 3.18
C GLU C 96 44.33 18.73 2.46
N ASN C 97 43.92 19.06 1.23
CA ASN C 97 44.59 20.10 0.44
C ASN C 97 44.45 21.48 1.11
N TRP C 98 43.35 21.66 1.80
CA TRP C 98 43.06 22.87 2.53
C TRP C 98 43.97 23.00 3.73
N GLY C 99 44.68 21.94 4.07
CA GLY C 99 45.61 21.97 5.18
C GLY C 99 45.19 21.34 6.49
N TYR C 100 44.10 20.61 6.46
CA TYR C 100 43.57 19.87 7.60
C TYR C 100 44.22 18.52 7.90
N LYS C 101 44.01 18.05 9.13
CA LYS C 101 44.43 16.72 9.54
C LYS C 101 43.19 15.98 10.01
N LEU C 102 43.01 14.75 9.57
CA LEU C 102 41.82 14.00 9.93
C LEU C 102 41.93 13.43 11.32
N VAL C 103 40.98 13.80 12.17
CA VAL C 103 40.95 13.30 13.53
C VAL C 103 39.92 12.20 13.79
N ASP C 104 38.74 12.33 13.21
CA ASP C 104 37.64 11.44 13.54
C ASP C 104 36.62 11.44 12.43
N GLU C 105 35.68 10.52 12.49
CA GLU C 105 34.53 10.51 11.60
C GLU C 105 33.28 10.19 12.41
N ILE C 106 32.14 10.66 11.94
CA ILE C 106 30.90 10.39 12.63
C ILE C 106 29.92 9.70 11.71
N THR C 107 29.27 8.70 12.25
CA THR C 107 28.38 7.88 11.48
C THR C 107 26.98 8.23 11.86
N TRP C 108 26.15 8.50 10.87
CA TRP C 108 24.77 8.88 11.10
C TRP C 108 23.83 7.81 10.58
N VAL C 109 22.97 7.31 11.46
CA VAL C 109 22.08 6.20 11.15
C VAL C 109 20.64 6.65 11.32
N LYS C 110 19.79 6.25 10.38
CA LYS C 110 18.40 6.68 10.39
C LYS C 110 17.48 5.53 10.71
N LYS C 111 16.55 5.75 11.63
CA LYS C 111 15.62 4.73 12.07
C LYS C 111 14.21 5.04 11.64
N THR C 112 13.54 4.05 11.07
CA THR C 112 12.22 4.25 10.51
C THR C 112 11.23 4.67 11.58
N VAL C 113 11.37 4.07 12.76
CA VAL C 113 10.48 4.30 13.89
C VAL C 113 9.22 3.46 13.81
N LYS C 116 13.32 -0.64 12.72
CA LYS C 116 14.63 -0.91 13.28
C LYS C 116 15.70 0.09 12.79
N ILE C 117 15.92 0.14 11.49
CA ILE C 117 17.01 0.92 10.93
C ILE C 117 16.73 1.41 9.52
N ALA C 118 17.39 2.50 9.13
CA ALA C 118 17.19 3.12 7.83
C ALA C 118 17.70 2.26 6.68
N LYS C 119 16.98 2.26 5.56
CA LYS C 119 17.40 1.48 4.40
C LYS C 119 17.36 2.24 3.07
N GLY C 120 18.41 2.05 2.28
CA GLY C 120 18.50 2.57 0.93
C GLY C 120 19.02 1.44 0.07
N HIS C 121 18.68 1.42 -1.21
CA HIS C 121 19.03 0.29 -2.06
C HIS C 121 20.54 0.03 -2.26
N GLY C 122 21.32 1.10 -2.43
CA GLY C 122 22.78 1.00 -2.50
C GLY C 122 23.25 0.53 -3.86
N PHE C 123 24.56 0.34 -4.05
CA PHE C 123 25.02 -0.44 -5.22
C PHE C 123 25.44 -1.88 -4.95
N TYR C 124 26.22 -2.12 -3.90
CA TYR C 124 26.53 -3.48 -3.51
C TYR C 124 25.77 -3.71 -2.24
N LEU C 125 26.33 -3.23 -1.14
CA LEU C 125 25.72 -3.33 0.17
C LEU C 125 24.59 -2.34 0.25
N GLN C 126 23.57 -2.62 1.05
CA GLN C 126 22.52 -1.65 1.23
C GLN C 126 23.01 -0.63 2.22
N HIS C 127 23.06 0.61 1.82
CA HIS C 127 23.50 1.68 2.70
C HIS C 127 22.44 1.91 3.75
N ALA C 128 22.86 2.12 5.00
CA ALA C 128 21.96 2.61 6.02
C ALA C 128 22.54 3.81 6.73
N LYS C 129 23.73 4.24 6.31
CA LYS C 129 24.50 5.23 7.06
C LYS C 129 24.98 6.40 6.21
N GLU C 130 25.26 7.52 6.87
CA GLU C 130 25.80 8.71 6.22
C GLU C 130 27.02 9.18 6.99
N SER C 131 28.02 9.72 6.31
CA SER C 131 29.32 9.91 6.93
C SER C 131 29.76 11.36 7.08
N CYS C 132 30.21 11.74 8.27
CA CYS C 132 30.75 13.08 8.49
C CYS C 132 32.22 12.95 8.78
N LEU C 133 33.02 13.73 8.07
CA LEU C 133 34.44 13.63 8.24
C LEU C 133 34.89 14.86 8.99
N ILE C 134 35.66 14.63 10.04
CA ILE C 134 36.08 15.68 10.94
C ILE C 134 37.53 15.98 10.72
N GLY C 135 37.90 17.26 10.83
CA GLY C 135 39.26 17.68 10.59
C GLY C 135 39.78 18.56 11.70
N VAL C 136 41.09 18.72 11.76
CA VAL C 136 41.72 19.59 12.74
C VAL C 136 42.86 20.39 12.12
N LYS C 137 43.04 21.62 12.61
CA LYS C 137 44.20 22.42 12.25
C LYS C 137 44.46 23.45 13.35
N GLY C 138 45.69 23.95 13.42
CA GLY C 138 46.07 24.93 14.43
C GLY C 138 45.97 24.54 15.89
N ASP C 139 45.36 25.39 16.70
CA ASP C 139 45.37 25.22 18.14
C ASP C 139 44.11 24.56 18.64
N VAL C 140 44.26 23.39 19.26
CA VAL C 140 43.16 22.72 19.93
C VAL C 140 43.41 22.51 21.42
N ASP C 141 44.58 22.92 21.89
CA ASP C 141 44.95 22.69 23.28
C ASP C 141 44.69 23.90 24.18
N ASN C 142 44.00 24.89 23.62
CA ASN C 142 43.53 26.04 24.38
C ASN C 142 42.68 25.61 25.56
N GLY C 143 41.93 24.54 25.35
CA GLY C 143 40.94 24.09 26.32
C GLY C 143 39.58 24.63 25.96
N ARG C 144 39.54 25.52 24.98
CA ARG C 144 38.26 25.94 24.43
C ARG C 144 37.62 24.71 23.81
N PHE C 145 38.42 23.91 23.12
CA PHE C 145 37.92 22.71 22.46
C PHE C 145 38.23 21.52 23.36
N LYS C 146 37.21 20.73 23.67
CA LYS C 146 37.34 19.69 24.69
C LYS C 146 37.30 18.27 24.15
N LYS C 147 38.22 17.43 24.62
CA LYS C 147 38.42 16.10 24.08
C LYS C 147 37.89 15.02 25.01
N ASN C 148 37.50 13.91 24.40
CA ASN C 148 36.87 12.78 25.07
C ASN C 148 35.37 12.95 25.20
N ILE C 149 34.85 14.08 24.74
CA ILE C 149 33.44 14.41 24.88
C ILE C 149 32.35 13.62 24.14
N ALA C 150 32.55 13.31 22.86
CA ALA C 150 31.42 12.90 22.03
C ALA C 150 31.48 11.51 21.37
N SER C 151 30.41 10.74 21.56
CA SER C 151 30.26 9.41 20.97
C SER C 151 30.06 9.46 19.46
N ASP C 152 30.62 8.48 18.75
CA ASP C 152 30.59 8.51 17.29
C ASP C 152 29.22 8.45 16.58
N VAL C 153 28.43 7.44 16.92
CA VAL C 153 27.19 7.15 16.22
C VAL C 153 26.06 8.13 16.52
N ILE C 154 25.12 8.25 15.58
CA ILE C 154 23.90 9.02 15.81
C ILE C 154 22.67 8.15 15.68
N PHE C 155 21.78 8.22 16.67
CA PHE C 155 20.59 7.38 16.72
C PHE C 155 19.31 8.10 16.31
N SER C 156 19.46 9.30 15.76
CA SER C 156 18.32 10.11 15.36
C SER C 156 17.53 9.54 14.19
N GLU C 157 16.22 9.77 14.20
CA GLU C 157 15.35 9.39 13.10
C GLU C 157 15.54 10.34 11.94
N ARG C 158 15.14 9.94 10.74
CA ARG C 158 15.24 10.86 9.62
C ARG C 158 14.05 11.79 9.65
N ARG C 159 14.32 13.04 10.01
CA ARG C 159 13.29 14.04 10.24
C ARG C 159 13.50 15.26 9.37
N GLY C 160 12.44 15.73 8.75
CA GLY C 160 12.50 16.93 7.94
C GLY C 160 13.46 16.76 6.79
N GLN C 161 13.60 15.53 6.32
CA GLN C 161 14.50 15.26 5.23
C GLN C 161 13.94 15.87 3.95
N SER C 162 14.80 16.57 3.23
CA SER C 162 16.20 16.72 3.64
C SER C 162 16.35 17.56 4.91
N GLN C 163 17.09 16.99 5.85
CA GLN C 163 17.51 17.67 7.08
C GLN C 163 18.66 16.88 7.68
N LYS C 164 19.40 17.48 8.60
CA LYS C 164 20.49 16.79 9.27
C LYS C 164 20.06 16.52 10.69
N PRO C 165 20.55 15.33 11.27
CA PRO C 165 20.03 15.10 12.63
C PRO C 165 20.50 16.20 13.54
N GLU C 166 19.63 16.66 14.42
CA GLU C 166 19.96 17.76 15.31
C GLU C 166 21.12 17.40 16.22
N GLU C 167 21.10 16.18 16.74
CA GLU C 167 22.07 15.87 17.76
C GLU C 167 23.47 16.36 17.39
N ILE C 168 23.74 16.59 16.12
CA ILE C 168 25.08 16.98 15.70
C ILE C 168 25.59 18.30 16.30
N TYR C 169 24.74 19.32 16.35
CA TYR C 169 25.14 20.59 16.94
C TYR C 169 25.41 20.33 18.40
N GLN C 170 24.62 19.42 18.95
CA GLN C 170 24.74 19.03 20.32
C GLN C 170 26.15 18.51 20.47
N TYR C 171 26.65 17.84 19.45
CA TYR C 171 28.03 17.39 19.43
C TYR C 171 29.02 18.54 19.46
N ILE C 172 28.72 19.62 18.76
CA ILE C 172 29.60 20.78 18.76
C ILE C 172 29.76 21.53 20.09
N ASN C 173 28.67 21.76 20.81
CA ASN C 173 28.79 22.56 22.01
C ASN C 173 29.70 21.89 23.01
N GLN C 174 29.51 20.61 23.20
CA GLN C 174 30.28 19.91 24.19
C GLN C 174 31.72 20.01 23.75
N LEU C 175 31.94 19.85 22.45
CA LEU C 175 33.26 20.00 21.90
C LEU C 175 33.75 21.43 22.07
N CYS C 176 32.87 22.39 21.84
CA CYS C 176 33.21 23.78 22.13
C CYS C 176 32.28 24.40 23.16
N PRO C 177 32.88 24.94 24.30
CA PRO C 177 31.91 25.46 25.28
C PRO C 177 31.15 26.70 24.83
N ASN C 178 31.84 27.68 24.29
CA ASN C 178 31.16 28.92 23.90
C ASN C 178 31.88 29.70 22.82
N GLY C 179 31.83 29.20 21.60
CA GLY C 179 32.57 29.84 20.53
C GLY C 179 31.76 30.06 19.29
N ASN C 180 32.17 31.03 18.50
CA ASN C 180 31.51 31.29 17.22
C ASN C 180 31.54 30.10 16.29
N TYR C 181 30.51 29.96 15.48
CA TYR C 181 30.43 28.88 14.52
C TYR C 181 30.03 29.43 13.16
N LEU C 182 30.34 28.70 12.10
CA LEU C 182 29.88 29.05 10.76
C LEU C 182 29.37 27.83 10.01
N GLU C 183 28.35 28.02 9.20
CA GLU C 183 27.76 26.92 8.42
C GLU C 183 27.86 27.27 6.96
N ILE C 184 28.07 26.28 6.11
CA ILE C 184 28.20 26.56 4.69
C ILE C 184 27.23 25.71 3.87
N PHE C 185 26.62 26.32 2.86
CA PHE C 185 25.62 25.64 2.06
C PHE C 185 24.47 25.19 2.96
N ALA C 186 24.15 26.03 3.92
CA ALA C 186 23.05 25.78 4.84
C ALA C 186 21.68 26.10 4.22
N ARG C 187 20.66 25.68 4.92
CA ARG C 187 19.27 25.91 4.55
C ARG C 187 18.64 26.58 5.76
N ARG C 188 17.48 27.18 5.58
CA ARG C 188 16.88 27.98 6.65
C ARG C 188 16.65 27.14 7.89
N ASN C 189 16.51 25.83 7.71
CA ASN C 189 16.15 24.93 8.79
C ASN C 189 17.14 24.91 9.95
N ASN C 190 18.42 24.87 9.62
CA ASN C 190 19.51 24.73 10.59
C ASN C 190 19.79 25.99 11.41
N LEU C 191 19.20 27.12 11.05
CA LEU C 191 19.52 28.36 11.71
C LEU C 191 19.24 28.24 13.21
N HIS C 192 20.19 28.70 14.01
CA HIS C 192 20.13 28.56 15.45
C HIS C 192 21.13 29.47 16.13
N ASP C 193 21.22 29.34 17.46
CA ASP C 193 22.09 30.17 18.27
C ASP C 193 23.56 30.01 17.89
N ASN C 194 24.28 31.12 17.84
CA ASN C 194 25.73 31.11 17.67
C ASN C 194 26.18 30.90 16.23
N TRP C 195 25.24 30.86 15.30
CA TRP C 195 25.54 30.41 13.94
C TRP C 195 25.35 31.45 12.87
N VAL C 196 26.25 31.45 11.89
CA VAL C 196 26.19 32.32 10.73
C VAL C 196 25.90 31.45 9.52
N SER C 197 25.02 31.90 8.64
CA SER C 197 24.61 31.07 7.53
C SER C 197 24.95 31.64 6.17
N ILE C 198 25.50 30.79 5.30
CA ILE C 198 25.54 31.07 3.88
C ILE C 198 24.82 29.94 3.17
N GLY C 199 23.82 30.26 2.37
CA GLY C 199 23.13 29.24 1.62
C GLY C 199 22.75 29.78 0.25
N ASN C 200 22.87 28.97 -0.79
CA ASN C 200 22.51 29.46 -2.10
C ASN C 200 21.03 29.82 -2.15
N GLU C 201 20.18 28.94 -1.63
CA GLU C 201 18.77 29.23 -1.57
C GLU C 201 18.39 30.34 -0.60
N LEU C 202 18.99 30.29 0.60
CA LEU C 202 18.52 30.95 1.83
C LEU C 202 17.42 31.97 1.64
N ASP D 1 -4.57 -23.04 -15.08
CA ASP D 1 -5.59 -23.89 -14.48
C ASP D 1 -6.94 -23.20 -14.42
N LYS D 2 -7.32 -22.56 -15.52
CA LYS D 2 -8.64 -22.00 -15.63
C LYS D 2 -9.16 -22.27 -17.03
N VAL D 3 -10.46 -22.51 -17.16
CA VAL D 3 -11.05 -22.82 -18.45
C VAL D 3 -12.56 -22.66 -18.43
N THR D 4 -13.18 -22.67 -19.60
CA THR D 4 -14.62 -22.83 -19.72
C THR D 4 -15.44 -21.60 -19.36
N CYS D 5 -15.24 -21.08 -18.15
CA CYS D 5 -15.94 -19.88 -17.76
C CYS D 5 -15.51 -18.77 -18.70
N ASP D 6 -14.22 -18.74 -18.99
CA ASP D 6 -13.67 -17.70 -19.82
C ASP D 6 -14.29 -17.75 -21.20
N ASN D 7 -14.50 -18.96 -21.69
CA ASN D 7 -15.02 -19.17 -23.03
C ASN D 7 -16.55 -19.12 -23.15
N LEU D 8 -17.27 -19.03 -22.04
CA LEU D 8 -18.71 -19.07 -22.18
C LEU D 8 -19.27 -17.80 -22.81
N GLU D 9 -19.01 -16.68 -22.16
CA GLU D 9 -19.59 -15.43 -22.62
C GLU D 9 -18.93 -14.98 -23.90
N VAL D 10 -17.65 -15.30 -24.01
CA VAL D 10 -16.89 -14.94 -25.19
C VAL D 10 -17.52 -15.54 -26.43
N LEU D 11 -17.99 -16.78 -26.32
CA LEU D 11 -18.64 -17.46 -27.43
C LEU D 11 -19.72 -18.45 -27.01
N LEU D 12 -20.64 -18.72 -27.93
CA LEU D 12 -21.71 -19.72 -27.76
C LEU D 12 -22.67 -19.53 -26.59
N GLN D 13 -23.05 -18.28 -26.32
CA GLN D 13 -23.98 -18.02 -25.24
C GLN D 13 -23.31 -18.25 -23.91
N TYR D 23 -28.56 -10.92 -30.07
CA TYR D 23 -28.99 -10.11 -31.18
C TYR D 23 -28.56 -10.76 -32.49
N GLU D 24 -29.52 -11.29 -33.24
CA GLU D 24 -29.20 -11.87 -34.53
C GLU D 24 -29.50 -10.97 -35.73
N THR D 25 -30.71 -10.41 -35.78
CA THR D 25 -31.15 -9.67 -36.95
C THR D 25 -30.46 -8.33 -37.06
N ASP D 26 -30.38 -7.80 -38.26
CA ASP D 26 -29.74 -6.52 -38.48
C ASP D 26 -30.66 -5.55 -39.19
N GLN D 27 -30.74 -4.32 -38.69
CA GLN D 27 -31.54 -3.30 -39.33
C GLN D 27 -31.44 -1.96 -38.60
N LYS D 29 -30.55 2.91 -36.68
CA LYS D 29 -31.89 3.20 -37.17
C LYS D 29 -31.80 3.83 -38.54
N ILE D 30 -30.71 3.55 -39.23
CA ILE D 30 -30.46 4.08 -40.56
C ILE D 30 -29.49 3.15 -41.23
N VAL D 31 -29.31 3.29 -42.53
CA VAL D 31 -28.23 2.60 -43.21
C VAL D 31 -27.51 3.55 -44.14
N VAL D 32 -26.76 4.49 -43.59
CA VAL D 32 -26.12 5.49 -44.41
C VAL D 32 -25.15 4.82 -45.34
N LEU D 33 -25.17 5.20 -46.60
CA LEU D 33 -24.25 4.64 -47.57
C LEU D 33 -23.58 5.77 -48.29
N LYS D 34 -22.32 5.59 -48.69
CA LYS D 34 -21.58 6.67 -49.29
C LYS D 34 -20.16 6.28 -49.65
N LYS D 35 -19.40 7.23 -50.19
CA LYS D 35 -17.98 7.08 -50.35
C LYS D 35 -17.42 8.11 -49.40
N ILE D 36 -16.92 7.62 -48.29
CA ILE D 36 -16.61 8.47 -47.19
C ILE D 36 -15.51 9.44 -47.53
N LEU D 37 -14.62 9.07 -48.44
CA LEU D 37 -13.55 10.00 -48.83
C LEU D 37 -14.10 11.27 -49.48
N GLY D 38 -15.13 11.13 -50.30
CA GLY D 38 -15.86 12.27 -50.82
C GLY D 38 -16.64 13.05 -49.77
N THR D 39 -17.26 12.31 -48.88
CA THR D 39 -18.26 12.82 -47.95
C THR D 39 -17.83 13.48 -46.62
N ASP D 40 -18.80 14.14 -45.98
CA ASP D 40 -18.65 14.72 -44.66
C ASP D 40 -19.79 14.21 -43.82
N LEU D 41 -19.53 14.00 -42.53
CA LEU D 41 -20.51 13.37 -41.62
C LEU D 41 -21.37 14.29 -40.77
N SER D 42 -21.21 15.59 -40.91
CA SER D 42 -21.89 16.51 -40.03
C SER D 42 -23.42 16.42 -40.17
N GLN D 43 -23.89 16.31 -41.40
CA GLN D 43 -25.31 16.38 -41.73
C GLN D 43 -26.13 15.27 -41.09
N TYR D 44 -25.55 14.10 -41.04
CA TYR D 44 -26.24 12.90 -40.56
C TYR D 44 -26.63 13.03 -39.09
N ALA D 45 -27.74 12.40 -38.72
CA ALA D 45 -28.43 12.66 -37.45
C ALA D 45 -27.63 12.40 -36.18
N LYS D 46 -27.80 13.34 -35.24
CA LYS D 46 -27.03 13.44 -34.02
C LYS D 46 -27.92 14.25 -33.10
N GLY D 47 -27.54 14.45 -31.85
CA GLY D 47 -26.27 14.00 -31.30
C GLY D 47 -26.26 12.56 -30.88
N VAL D 48 -25.09 11.96 -30.92
CA VAL D 48 -24.93 10.58 -30.51
C VAL D 48 -24.04 10.51 -29.30
N GLN D 49 -24.48 9.75 -28.31
CA GLN D 49 -23.75 9.63 -27.08
C GLN D 49 -22.78 8.44 -27.03
N GLY D 50 -22.70 7.68 -28.11
CA GLY D 50 -21.64 6.69 -28.27
C GLY D 50 -21.32 6.32 -29.72
N ILE D 51 -20.07 5.98 -30.01
CA ILE D 51 -19.67 5.57 -31.36
C ILE D 51 -18.72 4.38 -31.37
N PHE D 52 -18.75 3.57 -32.43
CA PHE D 52 -17.97 2.34 -32.54
C PHE D 52 -17.33 2.12 -33.90
N ILE D 53 -16.00 2.22 -33.99
CA ILE D 53 -15.37 2.10 -35.28
C ILE D 53 -14.63 0.80 -35.35
N ASP D 54 -14.94 0.00 -36.35
CA ASP D 54 -14.23 -1.25 -36.49
C ASP D 54 -12.96 -0.92 -37.24
N ASN D 55 -11.85 -0.90 -36.53
CA ASN D 55 -10.60 -0.44 -37.13
C ASN D 55 -9.60 -1.53 -37.42
N LEU D 56 -10.06 -2.77 -37.48
CA LEU D 56 -9.15 -3.87 -37.68
C LEU D 56 -8.47 -3.62 -39.00
N PHE D 57 -9.21 -3.08 -39.95
CA PHE D 57 -8.68 -2.74 -41.25
C PHE D 57 -7.58 -1.68 -41.17
N LYS D 58 -7.62 -0.87 -40.12
CA LYS D 58 -6.57 0.14 -39.95
C LYS D 58 -6.71 1.30 -40.91
N LYS D 59 -7.93 1.55 -41.36
CA LYS D 59 -8.20 2.65 -42.26
C LYS D 59 -7.83 3.95 -41.56
N ASP D 60 -7.24 4.87 -42.30
CA ASP D 60 -6.81 6.12 -41.70
C ASP D 60 -8.04 6.83 -41.17
N LEU D 61 -7.99 7.22 -39.90
CA LEU D 61 -9.11 7.90 -39.28
C LEU D 61 -8.81 9.35 -38.97
N LYS D 62 -7.58 9.76 -39.17
CA LYS D 62 -7.22 11.11 -38.79
C LYS D 62 -8.10 12.03 -39.60
N ASN D 63 -8.26 11.71 -40.88
CA ASN D 63 -9.10 12.50 -41.75
C ASN D 63 -10.53 12.05 -41.61
N LEU D 64 -11.02 12.11 -40.38
CA LEU D 64 -12.40 11.79 -40.06
C LEU D 64 -12.93 12.93 -39.22
N ASP D 65 -14.16 13.35 -39.45
CA ASP D 65 -14.71 14.41 -38.63
C ASP D 65 -15.68 13.81 -37.64
N ILE D 66 -15.25 13.68 -36.40
CA ILE D 66 -16.14 13.18 -35.37
C ILE D 66 -16.46 14.20 -34.28
N SER D 67 -15.74 15.32 -34.27
CA SER D 67 -15.97 16.32 -33.22
C SER D 67 -17.35 16.95 -33.27
N LYS D 68 -17.83 17.25 -34.46
CA LYS D 68 -19.13 17.86 -34.60
C LYS D 68 -20.31 16.97 -34.22
N LYS D 69 -20.28 15.72 -34.67
CA LYS D 69 -21.41 14.81 -34.51
C LYS D 69 -21.70 14.48 -33.06
N LEU D 70 -20.65 14.21 -32.30
CA LEU D 70 -20.80 13.83 -30.91
C LEU D 70 -21.24 15.02 -30.08
N ILE D 71 -22.10 14.75 -29.12
CA ILE D 71 -22.60 15.78 -28.25
C ILE D 71 -21.40 16.09 -27.41
N SER D 72 -21.52 17.07 -26.55
CA SER D 72 -20.38 17.47 -25.75
C SER D 72 -19.93 16.26 -24.95
N ASN D 73 -20.87 15.45 -24.49
CA ASN D 73 -20.53 14.25 -23.73
C ASN D 73 -20.75 12.99 -24.54
N GLY D 74 -19.69 12.24 -24.78
CA GLY D 74 -19.77 11.01 -25.54
C GLY D 74 -18.62 10.07 -25.29
N ILE D 75 -18.78 8.81 -25.62
CA ILE D 75 -17.71 7.84 -25.52
C ILE D 75 -17.49 7.16 -26.87
N LEU D 76 -16.24 6.84 -27.15
CA LEU D 76 -15.81 6.35 -28.44
C LEU D 76 -15.13 5.00 -28.31
N PHE D 77 -15.55 4.05 -29.13
CA PHE D 77 -14.96 2.73 -29.15
C PHE D 77 -14.20 2.53 -30.44
N ILE D 78 -12.91 2.24 -30.35
CA ILE D 78 -12.09 2.09 -31.54
C ILE D 78 -11.37 0.76 -31.54
N TRP D 79 -10.89 0.32 -32.70
CA TRP D 79 -10.25 -0.99 -32.80
C TRP D 79 -8.87 -0.99 -33.44
N SER D 80 -7.90 -1.61 -32.79
CA SER D 80 -6.64 -1.97 -33.42
C SER D 80 -6.37 -3.44 -33.14
N ASP D 81 -6.21 -4.26 -34.17
CA ASP D 81 -6.00 -5.68 -33.92
C ASP D 81 -4.70 -6.01 -33.21
N LYS D 82 -3.60 -5.38 -33.61
CA LYS D 82 -2.35 -5.66 -32.92
C LYS D 82 -1.41 -4.47 -32.73
N SER D 83 -0.82 -4.04 -33.83
CA SER D 83 0.28 -3.08 -33.81
C SER D 83 0.03 -1.64 -33.37
N LEU D 84 -1.04 -1.02 -33.84
CA LEU D 84 -1.19 0.41 -33.62
C LEU D 84 -1.87 0.79 -32.31
N ILE D 85 -1.18 0.54 -31.21
CA ILE D 85 -1.69 0.90 -29.89
C ILE D 85 -1.56 2.37 -29.50
N ASN D 86 -0.44 2.98 -29.84
CA ASN D 86 -0.07 4.33 -29.42
C ASN D 86 -0.56 5.41 -30.38
N GLU D 87 -0.54 5.14 -31.69
CA GLU D 87 -0.92 6.15 -32.64
C GLU D 87 -2.43 6.41 -32.67
N ILE D 88 -3.28 5.45 -32.28
CA ILE D 88 -4.69 5.79 -32.14
C ILE D 88 -4.86 6.90 -31.13
N LEU D 89 -4.08 6.87 -30.06
CA LEU D 89 -4.27 7.81 -28.99
C LEU D 89 -4.03 9.24 -29.41
N GLU D 90 -2.97 9.48 -30.17
CA GLU D 90 -2.73 10.82 -30.70
C GLU D 90 -3.81 11.20 -31.68
N THR D 91 -4.23 10.25 -32.48
CA THR D 91 -5.18 10.54 -33.51
C THR D 91 -6.45 11.04 -32.86
N MET D 92 -6.91 10.37 -31.82
CA MET D 92 -8.05 10.87 -31.06
C MET D 92 -7.78 12.17 -30.29
N GLU D 93 -6.59 12.33 -29.74
CA GLU D 93 -6.31 13.53 -28.96
C GLU D 93 -6.45 14.74 -29.86
N ASN D 94 -5.96 14.58 -31.08
CA ASN D 94 -6.05 15.60 -32.10
C ASN D 94 -7.53 15.83 -32.35
N LYS D 95 -8.31 14.77 -32.26
CA LYS D 95 -9.73 14.85 -32.53
C LYS D 95 -10.55 15.22 -31.30
N GLY D 96 -9.88 15.42 -30.16
CA GLY D 96 -10.58 15.85 -28.96
C GLY D 96 -11.00 14.90 -27.85
N PHE D 97 -10.52 13.66 -27.87
CA PHE D 97 -10.94 12.67 -26.87
C PHE D 97 -9.85 12.21 -25.89
N THR D 98 -10.21 12.06 -24.62
CA THR D 98 -9.26 11.60 -23.62
C THR D 98 -9.46 10.14 -23.25
N TYR D 99 -8.39 9.37 -23.32
CA TYR D 99 -8.45 7.94 -23.10
C TYR D 99 -8.93 7.59 -21.71
N ILE D 100 -9.79 6.59 -21.62
CA ILE D 100 -10.29 6.14 -20.33
C ILE D 100 -10.04 4.68 -19.95
N GLU D 101 -10.12 3.75 -20.90
CA GLU D 101 -10.05 2.33 -20.57
C GLU D 101 -9.64 1.44 -21.72
N ASN D 102 -9.34 0.18 -21.41
CA ASN D 102 -8.94 -0.81 -22.39
C ASN D 102 -9.68 -2.10 -22.17
N LEU D 103 -10.03 -2.78 -23.25
CA LEU D 103 -10.51 -4.15 -23.20
C LEU D 103 -9.64 -4.92 -24.14
N VAL D 104 -9.08 -6.04 -23.71
CA VAL D 104 -8.27 -6.82 -24.63
C VAL D 104 -8.97 -8.10 -25.07
N VAL D 105 -9.24 -8.19 -26.36
CA VAL D 105 -9.68 -9.43 -26.96
C VAL D 105 -8.47 -10.35 -27.04
N VAL D 106 -8.35 -11.31 -26.12
CA VAL D 106 -7.22 -12.23 -26.16
C VAL D 106 -7.53 -13.42 -27.06
N GLN D 107 -6.67 -13.66 -28.02
CA GLN D 107 -6.96 -14.54 -29.13
C GLN D 107 -6.36 -15.91 -28.84
N LEU D 108 -7.21 -16.91 -28.74
CA LEU D 108 -6.79 -18.31 -28.63
C LEU D 108 -6.96 -18.95 -30.01
N SER D 109 -5.89 -19.55 -30.54
CA SER D 109 -5.96 -20.19 -31.84
C SER D 109 -6.81 -21.46 -31.82
N LEU D 110 -7.67 -21.59 -32.81
CA LEU D 110 -8.49 -22.79 -33.02
C LEU D 110 -7.62 -23.98 -33.36
N GLU D 111 -6.59 -23.75 -34.16
CA GLU D 111 -5.75 -24.85 -34.59
C GLU D 111 -5.10 -25.50 -33.37
N GLN D 112 -4.65 -24.69 -32.43
CA GLN D 112 -4.08 -25.18 -31.18
C GLN D 112 -5.06 -25.94 -30.28
N ALA D 113 -6.30 -25.47 -30.18
CA ALA D 113 -7.33 -26.16 -29.39
C ALA D 113 -7.76 -27.54 -29.88
N LEU D 114 -7.93 -27.68 -31.18
CA LEU D 114 -8.41 -28.92 -31.78
C LEU D 114 -7.27 -29.90 -31.99
N GLU D 115 -6.07 -29.42 -31.71
CA GLU D 115 -4.84 -30.17 -31.82
C GLU D 115 -4.75 -31.37 -30.89
N GLU D 116 -5.33 -31.30 -29.71
CA GLU D 116 -5.10 -32.38 -28.78
C GLU D 116 -6.24 -32.60 -27.81
N LEU D 117 -6.65 -33.86 -27.60
CA LEU D 117 -6.08 -35.01 -28.27
C LEU D 117 -6.60 -34.91 -29.67
N ASN D 118 -6.02 -35.67 -30.59
CA ASN D 118 -6.19 -35.36 -31.98
C ASN D 118 -7.65 -35.27 -32.34
N LYS D 119 -7.98 -34.21 -33.07
CA LYS D 119 -9.31 -33.95 -33.56
C LYS D 119 -9.23 -33.02 -34.77
N HIS D 120 -10.30 -32.87 -35.54
CA HIS D 120 -10.23 -31.97 -36.68
C HIS D 120 -11.20 -30.79 -36.66
N MET D 121 -12.49 -31.09 -36.76
CA MET D 121 -13.53 -30.11 -37.03
C MET D 121 -13.78 -29.04 -35.98
N LYS D 122 -14.10 -27.84 -36.45
CA LYS D 122 -14.49 -26.72 -35.61
C LYS D 122 -13.79 -26.69 -34.26
N GLU D 124 -19.59 -25.03 -31.71
CA GLU D 124 -18.19 -25.39 -31.91
C GLU D 124 -17.92 -26.75 -31.32
N GLN D 125 -17.23 -27.61 -32.05
CA GLN D 125 -16.84 -28.89 -31.49
C GLN D 125 -15.88 -28.69 -30.34
N THR D 126 -14.86 -27.87 -30.51
CA THR D 126 -13.90 -27.68 -29.45
C THR D 126 -14.61 -27.09 -28.24
N GLU D 127 -15.65 -26.29 -28.47
CA GLU D 127 -16.35 -25.61 -27.39
C GLU D 127 -17.02 -26.55 -26.41
N ASP D 128 -17.60 -27.60 -26.96
CA ASP D 128 -18.24 -28.63 -26.14
C ASP D 128 -17.21 -29.28 -25.25
N ALA D 129 -16.01 -29.44 -25.78
CA ALA D 129 -14.94 -30.24 -25.20
C ALA D 129 -14.09 -29.55 -24.15
N VAL D 130 -14.43 -28.30 -23.85
CA VAL D 130 -13.66 -27.54 -22.88
C VAL D 130 -13.73 -28.27 -21.57
N LEU D 131 -14.75 -29.07 -21.37
CA LEU D 131 -14.87 -29.89 -20.17
C LEU D 131 -13.73 -30.87 -20.05
N ASP D 132 -13.57 -31.74 -21.04
CA ASP D 132 -12.39 -32.62 -21.12
C ASP D 132 -11.07 -31.90 -21.40
N ASN D 133 -11.14 -30.92 -22.29
CA ASN D 133 -9.98 -30.20 -22.80
C ASN D 133 -9.30 -29.46 -21.68
N LEU D 134 -10.10 -28.98 -20.76
CA LEU D 134 -9.61 -28.06 -19.77
C LEU D 134 -8.51 -28.75 -19.01
N ASP D 135 -8.66 -30.05 -18.82
CA ASP D 135 -7.71 -30.80 -18.03
C ASP D 135 -6.31 -30.84 -18.61
N PHE D 136 -6.19 -31.02 -19.91
CA PHE D 136 -4.90 -31.14 -20.59
C PHE D 136 -3.98 -29.93 -20.69
N LEU D 137 -4.53 -28.74 -20.94
CA LEU D 137 -3.74 -27.54 -21.23
C LEU D 137 -4.15 -26.29 -20.47
N GLN D 138 -3.22 -25.35 -20.34
CA GLN D 138 -3.40 -24.15 -19.55
C GLN D 138 -3.43 -22.90 -20.40
N GLN D 139 -4.11 -21.85 -19.93
CA GLN D 139 -4.47 -20.75 -20.82
C GLN D 139 -3.28 -20.22 -21.59
N LYS D 140 -2.08 -20.31 -21.00
CA LYS D 140 -0.87 -19.95 -21.73
C LYS D 140 -0.50 -20.95 -22.82
N VAL D 141 -1.24 -22.05 -22.98
CA VAL D 141 -0.84 -23.02 -23.98
C VAL D 141 -1.67 -22.99 -25.26
N GLN D 142 -2.87 -22.45 -25.16
CA GLN D 142 -3.76 -22.33 -26.30
C GLN D 142 -3.70 -20.93 -26.87
N VAL D 143 -2.73 -20.16 -26.40
CA VAL D 143 -2.57 -18.77 -26.78
C VAL D 143 -1.66 -18.66 -27.98
N LYS D 144 -1.37 -19.80 -28.59
CA LYS D 144 -0.61 -19.81 -29.82
C LYS D 144 -1.39 -18.97 -30.80
N ASP D 145 -0.70 -18.25 -31.66
CA ASP D 145 -1.37 -17.40 -32.63
C ASP D 145 -0.70 -17.57 -33.98
N LEU D 146 -1.41 -17.19 -35.04
CA LEU D 146 -0.89 -17.27 -36.40
C LEU D 146 0.57 -16.85 -36.48
N LYS D 153 8.63 -6.37 -34.26
CA LYS D 153 7.76 -7.01 -33.26
C LYS D 153 8.38 -8.32 -32.82
N VAL D 154 8.84 -8.35 -31.58
CA VAL D 154 9.53 -9.51 -31.05
C VAL D 154 8.58 -10.44 -30.30
N LEU D 155 7.28 -10.29 -30.50
CA LEU D 155 6.30 -11.21 -29.95
C LEU D 155 5.35 -11.59 -31.08
N ASN D 156 4.69 -12.73 -30.92
CA ASN D 156 3.55 -13.01 -31.74
C ASN D 156 2.38 -12.44 -30.96
N GLN D 157 2.01 -11.20 -31.25
CA GLN D 157 0.93 -10.58 -30.48
C GLN D 157 -0.29 -11.43 -30.76
N SER D 158 -1.00 -11.79 -29.70
CA SER D 158 -2.16 -12.62 -29.83
C SER D 158 -3.24 -11.91 -29.06
N LYS D 159 -3.65 -10.77 -29.60
CA LYS D 159 -4.70 -9.97 -29.01
C LYS D 159 -5.22 -9.02 -30.04
N GLN D 160 -6.36 -8.44 -29.73
CA GLN D 160 -6.83 -7.24 -30.38
C GLN D 160 -7.29 -6.37 -29.24
N VAL D 161 -7.15 -5.06 -29.38
CA VAL D 161 -7.50 -4.15 -28.30
C VAL D 161 -8.61 -3.21 -28.71
N LEU D 162 -9.65 -3.11 -27.89
CA LEU D 162 -10.71 -2.14 -28.13
C LEU D 162 -10.40 -0.93 -27.29
N ILE D 163 -10.35 0.23 -27.91
CA ILE D 163 -9.91 1.45 -27.24
C ILE D 163 -11.05 2.38 -26.91
N MET D 164 -11.05 2.91 -25.69
CA MET D 164 -12.15 3.71 -25.18
C MET D 164 -11.72 5.12 -24.81
N PHE D 165 -12.50 6.10 -25.24
CA PHE D 165 -12.21 7.52 -25.05
C PHE D 165 -13.44 8.24 -24.50
N ARG D 166 -13.26 9.41 -23.90
CA ARG D 166 -14.38 10.20 -23.43
C ARG D 166 -14.34 11.62 -23.99
N LYS D 167 -15.47 12.14 -24.44
CA LYS D 167 -15.48 13.46 -25.08
C LYS D 167 -15.83 14.72 -24.26
N PHE D 168 -16.34 14.59 -23.04
CA PHE D 168 -16.71 15.77 -22.27
C PHE D 168 -16.72 15.49 -20.79
N ASP D 169 -16.85 16.55 -20.00
CA ASP D 169 -16.91 16.42 -18.55
C ASP D 169 -17.99 15.43 -18.13
N LEU D 175 -29.15 -2.49 -22.05
CA LEU D 175 -29.52 -1.18 -21.54
C LEU D 175 -29.30 -1.11 -20.04
N GLU D 176 -28.15 -1.60 -19.60
CA GLU D 176 -27.82 -1.62 -18.19
C GLU D 176 -26.73 -0.62 -17.83
N LEU D 177 -27.08 0.24 -16.87
CA LEU D 177 -26.28 1.36 -16.44
C LEU D 177 -24.94 1.03 -15.80
N ARG D 178 -24.90 -0.02 -15.00
CA ARG D 178 -23.86 -0.16 -14.01
C ARG D 178 -22.50 -0.12 -14.66
N HIS D 179 -21.60 0.67 -14.08
CA HIS D 179 -20.29 0.88 -14.63
C HIS D 179 -19.43 -0.37 -14.67
N GLN D 180 -19.43 -1.13 -13.58
CA GLN D 180 -18.66 -2.35 -13.58
C GLN D 180 -19.52 -3.47 -14.13
N ARG D 181 -19.97 -3.30 -15.36
CA ARG D 181 -20.86 -4.30 -15.94
C ARG D 181 -20.17 -5.34 -16.81
N THR D 182 -19.25 -4.92 -17.65
CA THR D 182 -18.54 -5.88 -18.47
C THR D 182 -17.04 -5.68 -18.27
N PRO D 183 -16.31 -6.83 -17.94
CA PRO D 183 -14.89 -6.56 -17.65
C PRO D 183 -14.06 -6.42 -18.91
N ASP D 184 -12.83 -5.93 -18.80
CA ASP D 184 -12.03 -5.62 -19.97
C ASP D 184 -11.72 -6.79 -20.90
N VAL D 185 -11.33 -7.93 -20.35
CA VAL D 185 -10.93 -9.08 -21.16
C VAL D 185 -12.05 -9.93 -21.75
N LEU D 186 -11.77 -10.59 -22.88
CA LEU D 186 -12.63 -11.63 -23.45
C LEU D 186 -11.74 -12.65 -24.17
N PHE D 187 -12.21 -13.90 -24.33
CA PHE D 187 -11.38 -14.90 -24.95
C PHE D 187 -12.16 -15.41 -26.16
N ASP D 188 -11.53 -15.49 -27.32
CA ASP D 188 -12.18 -16.07 -28.50
C ASP D 188 -11.26 -17.00 -29.27
N ILE D 189 -11.83 -17.87 -30.08
CA ILE D 189 -11.08 -18.81 -30.91
C ILE D 189 -11.21 -18.35 -32.36
N VAL D 190 -10.05 -18.27 -32.98
CA VAL D 190 -9.75 -17.44 -34.13
C VAL D 190 -10.45 -17.92 -35.36
N ASN D 191 -10.53 -17.04 -36.34
CA ASN D 191 -11.40 -17.26 -37.46
C ASN D 191 -11.09 -18.60 -38.10
N ASN D 192 -12.15 -19.39 -38.29
CA ASN D 192 -12.06 -20.65 -39.00
C ASN D 192 -11.68 -20.38 -40.44
N GLY D 193 -12.24 -19.32 -40.99
CA GLY D 193 -11.97 -18.91 -42.35
C GLY D 193 -11.16 -17.63 -42.37
N LYS D 194 -10.10 -17.62 -43.16
CA LYS D 194 -9.16 -16.51 -43.17
C LYS D 194 -9.88 -15.24 -43.62
N SER D 195 -10.78 -15.38 -44.58
CA SER D 195 -11.49 -14.22 -45.10
C SER D 195 -12.68 -13.89 -44.21
N CYS D 196 -12.38 -13.50 -42.98
CA CYS D 196 -13.38 -13.01 -42.04
C CYS D 196 -12.91 -11.64 -41.55
N LEU D 197 -13.78 -10.64 -41.67
CA LEU D 197 -13.48 -9.32 -41.16
C LEU D 197 -14.66 -8.81 -40.35
N LYS D 198 -14.87 -9.41 -39.19
CA LYS D 198 -16.01 -9.01 -38.36
C LYS D 198 -15.52 -8.74 -36.95
N THR D 199 -16.30 -7.95 -36.21
CA THR D 199 -16.06 -7.71 -34.80
C THR D 199 -17.18 -8.35 -34.00
N LYS D 200 -16.81 -9.06 -32.93
CA LYS D 200 -17.73 -9.95 -32.23
C LYS D 200 -18.94 -9.17 -31.73
N GLU D 201 -20.10 -9.81 -31.85
CA GLU D 201 -21.36 -9.17 -31.56
C GLU D 201 -21.42 -8.79 -30.09
N TYR D 202 -20.62 -9.47 -29.31
CA TYR D 202 -20.59 -9.23 -27.87
C TYR D 202 -20.13 -7.83 -27.49
N ILE D 203 -19.27 -7.23 -28.30
CA ILE D 203 -18.83 -5.86 -28.03
C ILE D 203 -20.01 -4.89 -28.05
N TYR D 204 -20.91 -5.06 -29.00
CA TYR D 204 -22.15 -4.31 -29.00
C TYR D 204 -22.86 -4.41 -27.65
N GLN D 205 -22.96 -5.62 -27.10
CA GLN D 205 -23.59 -5.73 -25.80
C GLN D 205 -22.85 -4.89 -24.79
N THR D 206 -21.50 -4.91 -24.84
CA THR D 206 -20.73 -4.06 -23.94
C THR D 206 -21.12 -2.61 -24.12
N ILE D 207 -21.18 -2.16 -25.38
CA ILE D 207 -21.68 -0.83 -25.65
C ILE D 207 -23.07 -0.66 -25.05
N GLU D 208 -24.03 -1.45 -25.53
CA GLU D 208 -25.43 -1.20 -25.14
C GLU D 208 -25.65 -1.33 -23.62
N THR D 209 -24.96 -2.27 -22.94
CA THR D 209 -25.07 -2.33 -21.49
C THR D 209 -24.47 -1.10 -20.84
N LEU D 210 -23.24 -0.75 -21.23
CA LEU D 210 -22.57 0.44 -20.68
C LEU D 210 -23.37 1.73 -20.91
N LEU D 211 -23.99 1.86 -22.08
CA LEU D 211 -24.72 3.09 -22.35
C LEU D 211 -26.22 2.88 -22.45
N PRO D 212 -26.98 3.65 -21.56
CA PRO D 212 -28.42 3.52 -21.77
C PRO D 212 -28.97 4.57 -22.73
N LYS D 213 -28.11 5.45 -23.20
CA LYS D 213 -28.52 6.50 -24.13
C LYS D 213 -28.88 5.92 -25.50
N SER D 214 -29.99 6.36 -26.04
CA SER D 214 -30.56 5.77 -27.24
C SER D 214 -29.69 5.89 -28.48
N GLN D 215 -29.03 7.03 -28.63
CA GLN D 215 -28.30 7.31 -29.85
C GLN D 215 -26.87 6.83 -29.77
N LEU D 216 -26.56 5.83 -30.60
CA LEU D 216 -25.26 5.21 -30.67
C LEU D 216 -24.97 5.12 -32.15
N MET D 217 -23.70 4.96 -32.51
CA MET D 217 -23.31 4.98 -33.94
C MET D 217 -22.20 3.99 -34.19
N GLU D 218 -22.18 3.43 -35.42
CA GLU D 218 -21.12 2.56 -35.91
C GLU D 218 -20.70 3.12 -37.26
N ILE D 219 -19.42 3.38 -37.44
CA ILE D 219 -18.94 3.90 -38.71
C ILE D 219 -18.05 2.86 -39.37
N PHE D 220 -18.06 2.84 -40.70
CA PHE D 220 -17.48 1.76 -41.49
C PHE D 220 -18.15 0.40 -41.29
N ALA D 221 -19.47 0.42 -41.16
CA ALA D 221 -20.29 -0.77 -41.03
C ALA D 221 -20.49 -1.55 -42.32
N GLN D 222 -20.69 -2.85 -42.18
CA GLN D 222 -21.10 -3.72 -43.26
C GLN D 222 -22.62 -3.71 -43.44
N LYS D 223 -23.08 -4.31 -44.52
CA LYS D 223 -24.50 -4.62 -44.75
C LYS D 223 -25.03 -5.60 -43.71
N ASP D 224 -24.19 -6.54 -43.31
CA ASP D 224 -24.48 -7.50 -42.23
C ASP D 224 -24.63 -6.90 -40.83
N GLN D 225 -23.87 -5.85 -40.58
CA GLN D 225 -23.73 -5.34 -39.23
C GLN D 225 -24.68 -4.23 -38.83
N PRO D 226 -25.59 -3.81 -39.69
CA PRO D 226 -26.50 -2.77 -39.17
C PRO D 226 -27.21 -3.30 -37.93
N ARG D 227 -27.43 -2.44 -36.95
CA ARG D 227 -27.96 -2.84 -35.67
C ARG D 227 -29.17 -2.02 -35.33
N LYS D 228 -30.15 -2.59 -34.64
CA LYS D 228 -31.34 -1.81 -34.29
C LYS D 228 -30.95 -0.61 -33.45
N GLY D 229 -31.61 0.51 -33.65
CA GLY D 229 -31.43 1.65 -32.78
C GLY D 229 -29.99 2.10 -32.80
N TRP D 230 -29.33 1.82 -33.91
CA TRP D 230 -27.95 2.20 -34.13
C TRP D 230 -27.99 2.88 -35.47
N ILE D 231 -27.01 3.72 -35.73
CA ILE D 231 -26.88 4.31 -37.04
C ILE D 231 -25.65 3.72 -37.65
N SER D 232 -25.79 3.09 -38.80
CA SER D 232 -24.67 2.48 -39.45
C SER D 232 -24.32 3.32 -40.65
N VAL D 233 -23.09 3.79 -40.73
CA VAL D 233 -22.66 4.56 -41.88
C VAL D 233 -21.61 3.77 -42.63
N CYS D 234 -21.89 3.43 -43.88
CA CYS D 234 -20.94 2.65 -44.64
C CYS D 234 -20.84 3.07 -46.10
N GLU D 235 -19.66 2.89 -46.66
CA GLU D 235 -19.44 3.00 -48.10
C GLU D 235 -19.65 1.64 -48.74
N ASN D 236 -19.82 1.61 -50.05
CA ASN D 236 -19.86 0.36 -50.78
C ASN D 236 -18.52 -0.39 -50.74
N LYS D 237 -18.58 -1.71 -50.65
CA LYS D 237 -17.42 -2.57 -50.54
C LYS D 237 -16.49 -1.93 -49.52
N LYS E 2 12.73 3.53 21.26
CA LYS E 2 13.87 3.19 20.41
C LYS E 2 14.68 2.07 21.04
N VAL E 3 14.02 1.35 21.96
CA VAL E 3 14.59 0.22 22.70
C VAL E 3 13.93 -1.11 22.32
N THR E 4 13.02 -1.10 21.32
CA THR E 4 12.49 -2.28 20.67
C THR E 4 13.07 -2.53 19.29
N CYS E 5 13.66 -1.51 18.64
CA CYS E 5 14.50 -1.79 17.49
C CYS E 5 15.68 -2.66 17.90
N ASP E 6 16.14 -2.54 19.15
CA ASP E 6 17.24 -3.38 19.62
C ASP E 6 16.87 -4.85 19.64
N ASN E 7 15.58 -5.14 19.58
CA ASN E 7 15.10 -6.48 19.31
C ASN E 7 15.52 -6.87 17.91
N LEU E 8 15.44 -5.93 16.99
CA LEU E 8 15.72 -6.20 15.59
C LEU E 8 17.15 -5.91 15.13
N GLU E 9 17.76 -4.89 15.70
CA GLU E 9 19.12 -4.53 15.31
C GLU E 9 20.10 -5.65 15.59
N VAL E 10 19.98 -6.23 16.77
CA VAL E 10 20.91 -7.24 17.22
C VAL E 10 20.40 -8.64 16.94
N LEU E 11 19.17 -8.75 16.42
CA LEU E 11 18.67 -10.05 16.05
C LEU E 11 19.55 -10.54 14.95
N LEU E 12 19.84 -9.68 13.98
CA LEU E 12 20.68 -10.08 12.88
C LEU E 12 22.10 -10.37 13.32
N GLN E 13 22.64 -9.47 14.14
CA GLN E 13 24.05 -9.51 14.50
C GLN E 13 24.55 -10.68 15.33
N TRP E 14 23.83 -11.04 16.39
CA TRP E 14 24.32 -12.05 17.34
C TRP E 14 23.49 -13.32 17.55
N LYS E 15 22.17 -13.22 17.45
CA LYS E 15 21.30 -14.31 17.89
C LYS E 15 21.46 -15.64 17.16
N GLY E 16 21.62 -15.62 15.85
CA GLY E 16 21.71 -16.86 15.09
C GLY E 16 21.85 -16.62 13.60
N ILE E 18 27.81 -20.12 11.16
CA ILE E 18 28.03 -20.60 12.51
C ILE E 18 28.69 -21.97 12.48
N ASN E 19 29.77 -22.08 11.72
CA ASN E 19 30.54 -23.31 11.59
C ASN E 19 32.00 -22.98 11.36
N CYS E 20 32.82 -23.96 11.70
CA CYS E 20 34.26 -23.89 11.59
C CYS E 20 34.65 -25.24 11.05
N GLN E 21 35.66 -25.24 10.18
CA GLN E 21 35.97 -26.37 9.32
C GLN E 21 37.47 -26.50 9.07
N SER E 22 37.89 -27.70 8.69
CA SER E 22 39.23 -27.96 8.16
C SER E 22 39.08 -28.57 6.77
N TYR E 23 39.71 -27.97 5.77
CA TYR E 23 39.46 -28.38 4.38
C TYR E 23 40.55 -29.13 3.60
N GLU E 24 41.51 -29.73 4.28
CA GLU E 24 42.46 -30.62 3.62
C GLU E 24 43.68 -29.99 2.95
N THR E 25 43.91 -28.71 3.15
CA THR E 25 45.23 -28.15 2.85
C THR E 25 46.06 -28.09 4.12
N ASP E 26 45.49 -28.58 5.22
CA ASP E 26 46.07 -28.40 6.55
C ASP E 26 46.47 -29.68 7.27
N GLN E 27 47.68 -29.65 7.80
CA GLN E 27 48.20 -30.71 8.68
C GLN E 27 48.32 -30.27 10.12
N LYS E 28 48.91 -29.11 10.33
CA LYS E 28 49.09 -28.58 11.67
C LYS E 28 50.06 -29.44 12.48
N LEU E 33 49.92 -21.79 5.09
CA LEU E 33 50.42 -21.62 6.44
C LEU E 33 51.85 -21.15 6.41
N LYS E 34 52.08 -19.88 6.73
CA LYS E 34 53.42 -19.31 6.68
C LYS E 34 53.51 -18.02 7.49
N LYS E 35 54.72 -17.49 7.66
CA LYS E 35 54.86 -16.22 8.35
C LYS E 35 54.72 -15.13 7.32
N ILE E 36 53.56 -14.49 7.29
CA ILE E 36 53.19 -13.59 6.19
C ILE E 36 54.09 -12.37 6.06
N LEU E 37 54.51 -11.80 7.17
CA LEU E 37 55.58 -10.83 7.11
C LEU E 37 56.78 -11.61 6.62
N GLY E 38 57.57 -11.05 5.72
CA GLY E 38 58.70 -11.78 5.18
C GLY E 38 58.26 -13.10 4.58
N THR E 39 57.17 -13.08 3.84
CA THR E 39 56.68 -14.28 3.17
C THR E 39 56.34 -14.00 1.72
N ASP E 40 56.33 -15.04 0.91
CA ASP E 40 55.93 -14.91 -0.47
C ASP E 40 54.55 -15.54 -0.67
N LEU E 41 53.61 -14.75 -1.16
CA LEU E 41 52.30 -15.24 -1.56
C LEU E 41 52.37 -15.77 -2.99
N SER E 42 53.57 -15.76 -3.55
CA SER E 42 53.87 -16.27 -4.88
C SER E 42 53.60 -17.76 -5.01
N GLN E 43 53.97 -18.51 -3.98
CA GLN E 43 53.83 -19.97 -3.99
C GLN E 43 52.37 -20.42 -4.08
N TYR E 44 51.50 -19.73 -3.35
CA TYR E 44 50.08 -20.04 -3.39
C TYR E 44 49.48 -19.71 -4.75
N ALA E 45 48.55 -20.54 -5.20
CA ALA E 45 47.95 -20.40 -6.53
C ALA E 45 46.43 -20.46 -6.50
N LYS E 46 45.76 -19.77 -7.43
CA LYS E 46 46.42 -18.89 -8.40
C LYS E 46 46.01 -17.42 -8.28
N GLY E 47 44.70 -17.17 -8.32
CA GLY E 47 44.17 -15.84 -8.14
C GLY E 47 42.88 -15.89 -7.36
N VAL E 48 42.61 -14.88 -6.55
CA VAL E 48 41.43 -14.89 -5.69
C VAL E 48 40.49 -13.72 -5.92
N GLN E 49 39.20 -14.02 -6.05
CA GLN E 49 38.16 -13.01 -6.26
C GLN E 49 37.91 -12.07 -5.08
N GLY E 50 37.90 -12.59 -3.87
CA GLY E 50 37.78 -11.75 -2.71
C GLY E 50 38.79 -12.06 -1.63
N ILE E 51 39.52 -11.06 -1.16
CA ILE E 51 40.50 -11.27 -0.12
C ILE E 51 40.04 -10.62 1.17
N PHE E 52 40.02 -11.41 2.23
CA PHE E 52 39.49 -10.97 3.50
C PHE E 52 40.63 -11.03 4.49
N ILE E 53 40.89 -9.92 5.14
CA ILE E 53 42.03 -9.84 6.05
C ILE E 53 41.60 -9.30 7.39
N ASP E 54 42.26 -9.76 8.44
CA ASP E 54 41.94 -9.28 9.77
C ASP E 54 43.20 -8.83 10.51
N ASN E 55 44.12 -8.25 9.77
CA ASN E 55 45.20 -7.44 10.35
C ASN E 55 45.18 -6.06 9.72
N LEU E 56 45.21 -5.02 10.55
CA LEU E 56 45.15 -3.66 10.04
C LEU E 56 46.46 -2.94 10.31
N PHE E 57 47.09 -2.47 9.24
CA PHE E 57 48.26 -1.62 9.35
C PHE E 57 48.43 -0.80 8.07
N LYS E 58 49.14 0.32 8.17
CA LYS E 58 49.48 1.10 6.99
C LYS E 58 50.96 1.17 6.65
N LYS E 59 51.85 0.96 7.63
CA LYS E 59 53.29 1.10 7.36
C LYS E 59 54.04 -0.21 7.16
N ASP E 60 53.95 -1.12 8.13
CA ASP E 60 54.51 -2.46 7.97
C ASP E 60 53.77 -3.33 6.94
N LEU E 61 52.45 -3.21 6.93
CA LEU E 61 51.58 -3.98 6.06
C LEU E 61 51.66 -3.56 4.60
N LYS E 62 52.27 -2.41 4.36
CA LYS E 62 52.25 -1.79 3.03
C LYS E 62 52.89 -2.72 2.02
N ASN E 63 53.96 -3.38 2.44
CA ASN E 63 54.85 -4.15 1.58
C ASN E 63 54.27 -5.45 0.99
N LEU E 64 53.16 -5.93 1.52
CA LEU E 64 52.62 -7.21 1.08
C LEU E 64 52.18 -7.21 -0.38
N ASP E 65 52.42 -8.31 -1.08
CA ASP E 65 52.04 -8.42 -2.50
C ASP E 65 50.61 -8.93 -2.70
N ILE E 66 49.62 -8.16 -2.27
CA ILE E 66 48.24 -8.54 -2.49
C ILE E 66 47.92 -8.57 -3.97
N SER E 67 48.47 -7.60 -4.70
CA SER E 67 48.12 -7.37 -6.10
C SER E 67 48.46 -8.54 -7.01
N LYS E 68 49.59 -9.19 -6.77
CA LYS E 68 49.99 -10.32 -7.58
C LYS E 68 48.97 -11.44 -7.45
N LYS E 69 48.54 -11.67 -6.22
CA LYS E 69 47.60 -12.74 -5.90
C LYS E 69 46.24 -12.56 -6.55
N LEU E 70 45.74 -11.33 -6.59
CA LEU E 70 44.40 -11.06 -7.06
C LEU E 70 44.27 -11.07 -8.57
N ILE E 71 43.25 -11.75 -9.07
CA ILE E 71 42.83 -11.59 -10.44
C ILE E 71 42.30 -10.19 -10.43
N SER E 72 42.37 -9.48 -11.54
CA SER E 72 42.12 -8.05 -11.50
C SER E 72 40.71 -7.83 -10.98
N ASN E 73 39.80 -8.70 -11.35
CA ASN E 73 38.41 -8.59 -10.89
C ASN E 73 38.29 -9.28 -9.55
N GLY E 74 38.17 -8.49 -8.47
CA GLY E 74 37.99 -9.03 -7.13
C GLY E 74 37.66 -7.89 -6.19
N ILE E 75 37.31 -8.24 -4.94
CA ILE E 75 37.15 -7.22 -3.90
C ILE E 75 38.16 -7.48 -2.80
N LEU E 76 38.15 -6.67 -1.75
CA LEU E 76 39.07 -6.87 -0.62
C LEU E 76 38.54 -6.18 0.63
N PHE E 77 38.55 -6.89 1.73
CA PHE E 77 38.01 -6.39 2.98
C PHE E 77 39.17 -6.24 3.95
N ILE E 78 39.07 -5.28 4.87
CA ILE E 78 40.07 -5.13 5.92
C ILE E 78 39.36 -4.68 7.19
N TRP E 79 39.89 -5.06 8.35
CA TRP E 79 39.37 -4.56 9.62
C TRP E 79 40.23 -3.37 10.05
N SER E 80 39.63 -2.21 10.24
CA SER E 80 40.39 -1.02 10.62
C SER E 80 40.19 -0.51 12.06
N ASP E 81 39.35 -1.18 12.84
CA ASP E 81 39.17 -0.79 14.23
C ASP E 81 38.87 0.70 14.35
N LYS E 82 39.54 1.40 15.25
CA LYS E 82 39.21 2.79 15.53
C LYS E 82 40.03 3.88 14.82
N SER E 83 41.35 3.74 14.81
CA SER E 83 42.24 4.84 14.37
C SER E 83 43.00 4.70 13.05
N LEU E 84 42.70 3.68 12.24
CA LEU E 84 43.48 3.43 11.03
C LEU E 84 42.74 3.66 9.70
N ILE E 85 41.68 4.43 9.73
CA ILE E 85 40.76 4.57 8.60
C ILE E 85 41.31 5.12 7.29
N ASN E 86 42.18 6.12 7.33
CA ASN E 86 42.48 6.88 6.11
C ASN E 86 43.71 6.42 5.34
N GLU E 87 44.60 5.66 5.97
CA GLU E 87 45.79 5.25 5.24
C GLU E 87 45.76 3.79 4.89
N ILE E 88 44.94 2.99 5.59
CA ILE E 88 44.47 1.76 4.96
C ILE E 88 43.94 2.11 3.59
N LEU E 89 43.39 3.33 3.43
CA LEU E 89 42.89 3.79 2.14
C LEU E 89 43.99 4.20 1.20
N GLU E 90 45.13 4.66 1.73
CA GLU E 90 46.28 4.96 0.89
C GLU E 90 47.12 3.74 0.62
N THR E 91 47.19 2.83 1.59
CA THR E 91 47.88 1.55 1.44
C THR E 91 47.34 0.73 0.27
N MET E 92 46.08 0.93 -0.08
CA MET E 92 45.39 0.11 -1.04
C MET E 92 45.19 0.80 -2.37
N GLU E 93 45.42 2.09 -2.44
CA GLU E 93 45.65 2.63 -3.76
C GLU E 93 47.11 2.56 -4.14
N ASN E 94 47.97 2.20 -3.18
CA ASN E 94 49.31 1.69 -3.50
C ASN E 94 49.19 0.43 -4.37
N LYS E 95 48.33 -0.45 -3.93
CA LYS E 95 48.15 -1.75 -4.54
C LYS E 95 46.99 -1.71 -5.51
N GLY E 96 46.51 -0.51 -5.79
CA GLY E 96 45.66 -0.26 -6.94
C GLY E 96 44.17 -0.52 -6.85
N PHE E 97 43.67 -0.81 -5.66
CA PHE E 97 42.25 -1.01 -5.44
C PHE E 97 41.50 0.31 -5.52
N THR E 98 40.20 0.22 -5.79
CA THR E 98 39.35 1.38 -5.85
C THR E 98 38.40 1.26 -4.69
N TYR E 99 38.36 2.28 -3.85
CA TYR E 99 37.50 2.21 -2.69
C TYR E 99 36.07 2.16 -3.18
N ILE E 100 35.24 1.35 -2.55
CA ILE E 100 33.85 1.28 -2.94
C ILE E 100 32.97 1.80 -1.83
N GLU E 101 32.57 0.90 -0.93
CA GLU E 101 31.84 1.28 0.28
C GLU E 101 32.36 0.51 1.47
N ASN E 102 32.11 1.04 2.66
CA ASN E 102 32.52 0.41 3.91
C ASN E 102 31.41 0.13 4.92
N LEU E 103 31.53 -0.98 5.65
CA LEU E 103 30.53 -1.33 6.63
C LEU E 103 31.05 -1.06 8.03
N VAL E 104 30.31 -0.28 8.79
CA VAL E 104 30.69 0.13 10.13
C VAL E 104 30.01 -0.77 11.14
N VAL E 105 30.82 -1.40 11.97
CA VAL E 105 30.33 -2.21 13.05
C VAL E 105 30.35 -1.33 14.29
N VAL E 106 29.19 -0.89 14.75
CA VAL E 106 29.17 -0.14 15.99
C VAL E 106 29.08 -1.13 17.14
N GLN E 107 29.91 -0.97 18.13
CA GLN E 107 29.90 -1.89 19.23
C GLN E 107 29.00 -1.32 20.30
N LEU E 108 28.11 -2.15 20.83
CA LEU E 108 27.38 -1.89 22.06
C LEU E 108 27.97 -2.77 23.17
N SER E 109 28.13 -2.22 24.36
CA SER E 109 28.83 -2.94 25.43
C SER E 109 27.95 -3.78 26.37
N LEU E 110 28.08 -5.10 26.29
CA LEU E 110 27.36 -6.02 27.17
C LEU E 110 27.74 -5.92 28.64
N GLU E 111 29.03 -5.83 28.95
CA GLU E 111 29.41 -5.44 30.31
C GLU E 111 28.77 -4.11 30.73
N GLN E 112 28.63 -3.22 29.76
CA GLN E 112 27.81 -2.01 29.82
C GLN E 112 26.30 -2.30 29.91
N ALA E 113 25.86 -3.30 29.16
CA ALA E 113 24.45 -3.61 29.06
C ALA E 113 24.03 -4.59 30.14
N LEU E 114 25.02 -5.29 30.70
CA LEU E 114 24.80 -6.15 31.85
C LEU E 114 24.59 -5.27 33.09
N GLU E 115 24.89 -3.99 32.95
CA GLU E 115 24.88 -3.06 34.06
C GLU E 115 23.48 -2.78 34.61
N GLU E 116 22.45 -3.02 33.83
CA GLU E 116 21.11 -2.67 34.26
C GLU E 116 20.76 -3.44 35.52
N LEU E 117 20.26 -2.73 36.52
CA LEU E 117 19.88 -3.37 37.78
C LEU E 117 18.44 -3.85 37.75
N ASN E 118 18.16 -4.84 36.91
CA ASN E 118 16.87 -5.50 36.96
C ASN E 118 17.00 -7.01 37.04
N LYS E 119 18.19 -7.48 37.39
CA LYS E 119 18.48 -8.92 37.39
C LYS E 119 17.36 -9.74 38.00
N GLU E 124 26.52 -13.69 31.10
CA GLU E 124 26.98 -14.26 29.85
C GLU E 124 26.20 -13.73 28.66
N GLN E 125 24.94 -14.12 28.52
CA GLN E 125 24.19 -13.61 27.38
C GLN E 125 23.14 -12.58 27.76
N THR E 126 23.38 -11.36 27.31
CA THR E 126 22.44 -10.25 27.38
C THR E 126 21.23 -10.52 26.51
N GLU E 127 21.49 -11.18 25.39
CA GLU E 127 20.62 -11.20 24.22
C GLU E 127 19.23 -11.72 24.54
N ASP E 128 19.13 -12.65 25.47
CA ASP E 128 17.82 -13.18 25.81
C ASP E 128 16.92 -12.09 26.37
N ALA E 129 17.44 -11.28 27.27
CA ALA E 129 16.65 -10.21 27.85
C ALA E 129 16.73 -8.95 27.01
N VAL E 130 16.19 -8.99 25.81
CA VAL E 130 16.16 -7.80 24.97
C VAL E 130 14.79 -7.14 24.98
N LEU E 131 13.75 -7.97 25.02
CA LEU E 131 12.39 -7.47 24.96
C LEU E 131 12.14 -6.58 26.16
N ASP E 132 12.61 -7.02 27.32
CA ASP E 132 12.64 -6.16 28.49
C ASP E 132 13.96 -5.42 28.55
N ASN E 133 14.25 -4.66 27.50
CA ASN E 133 15.39 -3.74 27.52
C ASN E 133 14.85 -2.44 27.02
N LEU E 134 13.97 -1.85 27.81
CA LEU E 134 13.20 -0.68 27.42
C LEU E 134 13.71 0.55 28.12
N ASP E 135 14.88 0.45 28.72
CA ASP E 135 15.38 1.53 29.56
C ASP E 135 16.61 2.19 29.00
N PHE E 136 16.97 1.88 27.75
CA PHE E 136 18.16 2.47 27.16
C PHE E 136 17.99 2.54 25.64
N LEU E 137 18.36 3.69 25.11
CA LEU E 137 18.60 3.90 23.69
C LEU E 137 20.01 3.46 23.34
N GLN E 138 20.31 3.38 22.05
CA GLN E 138 21.61 2.88 21.61
C GLN E 138 22.77 3.73 22.10
N GLN E 139 22.60 5.04 22.09
CA GLN E 139 23.64 5.93 22.59
C GLN E 139 23.89 5.69 24.07
N LYS E 140 22.85 5.36 24.80
CA LYS E 140 22.94 5.08 26.22
C LYS E 140 23.87 3.90 26.50
N VAL E 141 23.77 2.86 25.69
CA VAL E 141 24.53 1.64 25.91
C VAL E 141 25.92 1.54 25.25
N GLN E 142 26.27 2.44 24.35
CA GLN E 142 27.52 2.32 23.57
C GLN E 142 28.76 3.05 24.08
N VAL E 143 28.59 4.34 24.34
CA VAL E 143 29.68 5.27 24.64
C VAL E 143 30.38 4.86 25.93
N LYS E 144 31.69 5.10 26.06
CA LYS E 144 32.57 5.63 25.03
C LYS E 144 33.96 5.07 25.27
N ASP E 145 34.80 5.02 24.24
CA ASP E 145 36.16 4.49 24.43
C ASP E 145 37.30 5.31 23.81
N LEU E 146 37.58 6.49 24.35
CA LEU E 146 38.68 7.29 23.84
C LEU E 146 39.48 7.91 24.97
N ILE E 147 40.77 8.12 24.75
CA ILE E 147 41.62 8.68 25.80
C ILE E 147 42.60 9.72 25.28
N LEU E 148 43.07 10.58 26.17
CA LEU E 148 44.06 11.58 25.83
C LEU E 148 44.49 12.36 27.06
N LYS E 153 42.41 11.64 20.17
CA LYS E 153 41.05 11.16 20.03
C LYS E 153 40.12 12.05 20.84
N VAL E 154 39.51 13.01 20.16
CA VAL E 154 38.49 13.86 20.77
C VAL E 154 37.19 13.14 21.15
N LEU E 155 36.71 12.25 20.29
CA LEU E 155 35.44 11.59 20.52
C LEU E 155 35.67 10.13 20.78
N ASN E 156 35.03 9.60 21.81
CA ASN E 156 35.09 8.17 22.03
C ASN E 156 34.40 7.58 20.83
N GLN E 157 35.03 6.61 20.20
CA GLN E 157 34.41 5.99 19.04
C GLN E 157 34.09 4.57 19.36
N SER E 158 32.82 4.29 19.53
CA SER E 158 32.37 2.95 19.73
C SER E 158 32.08 2.34 18.38
N LYS E 159 33.11 2.06 17.60
CA LYS E 159 32.90 1.34 16.36
C LYS E 159 34.18 0.82 15.76
N GLN E 160 34.08 -0.08 14.79
CA GLN E 160 35.26 -0.53 14.07
C GLN E 160 34.93 -0.67 12.59
N VAL E 161 35.58 0.11 11.75
CA VAL E 161 35.29 0.17 10.31
C VAL E 161 35.76 -1.04 9.51
N LEU E 162 35.13 -1.26 8.37
CA LEU E 162 35.42 -2.42 7.53
C LEU E 162 35.66 -1.96 6.10
N ILE E 163 36.84 -1.40 5.82
CA ILE E 163 37.11 -0.81 4.52
C ILE E 163 37.05 -1.83 3.41
N MET E 164 36.49 -1.41 2.28
CA MET E 164 36.22 -2.32 1.19
C MET E 164 36.80 -1.81 -0.12
N PHE E 165 37.47 -2.68 -0.87
CA PHE E 165 38.03 -2.28 -2.15
C PHE E 165 37.72 -3.27 -3.23
N ARG E 166 37.63 -2.75 -4.45
CA ARG E 166 37.44 -3.57 -5.62
C ARG E 166 38.40 -3.14 -6.71
N LYS E 167 39.03 -4.10 -7.36
CA LYS E 167 39.92 -3.79 -8.47
C LYS E 167 39.24 -4.14 -9.79
N PHE E 168 39.41 -3.30 -10.78
CA PHE E 168 38.63 -3.49 -12.01
C PHE E 168 37.15 -3.10 -11.76
N LEU E 177 28.68 -9.60 -7.88
CA LEU E 177 27.99 -10.88 -7.97
C LEU E 177 26.72 -10.85 -7.14
N ARG E 178 25.92 -11.90 -7.23
CA ARG E 178 24.78 -11.98 -6.35
C ARG E 178 23.97 -10.70 -6.55
N HIS E 179 23.63 -10.03 -5.46
CA HIS E 179 22.86 -8.80 -5.57
C HIS E 179 23.51 -7.62 -4.86
N GLN E 180 23.56 -6.49 -5.55
CA GLN E 180 23.92 -5.22 -4.95
C GLN E 180 22.71 -4.77 -4.14
N ARG E 181 22.89 -3.77 -3.28
CA ARG E 181 21.78 -3.28 -2.47
C ARG E 181 21.15 -4.38 -1.62
N THR E 182 21.98 -5.09 -0.87
CA THR E 182 21.54 -6.13 0.03
C THR E 182 21.84 -5.80 1.49
N PRO E 183 23.06 -6.15 1.92
CA PRO E 183 23.50 -6.11 3.31
C PRO E 183 23.77 -4.72 3.89
N ASP E 184 23.74 -4.61 5.22
CA ASP E 184 23.83 -3.33 5.90
C ASP E 184 24.60 -3.41 7.21
N VAL E 185 24.92 -2.27 7.77
CA VAL E 185 25.72 -2.19 8.99
C VAL E 185 25.25 -3.09 10.13
N LEU E 186 26.24 -3.51 10.91
CA LEU E 186 26.14 -4.49 12.02
C LEU E 186 26.17 -3.82 13.40
N PHE E 187 25.59 -4.51 14.37
CA PHE E 187 25.64 -4.09 15.76
C PHE E 187 26.03 -5.27 16.67
N ASP E 188 27.27 -5.71 16.61
CA ASP E 188 27.71 -6.84 17.43
C ASP E 188 27.92 -6.35 18.84
N ILE E 189 28.20 -7.24 19.78
CA ILE E 189 28.38 -6.79 21.15
C ILE E 189 29.80 -7.04 21.63
N VAL E 190 30.21 -6.32 22.66
CA VAL E 190 31.61 -6.11 22.96
C VAL E 190 32.36 -7.37 23.34
N ASN E 191 33.68 -7.30 23.18
CA ASN E 191 34.54 -8.43 23.49
C ASN E 191 34.79 -8.38 25.00
N ASN E 192 33.88 -9.01 25.74
CA ASN E 192 33.88 -8.92 27.19
C ASN E 192 35.15 -9.50 27.80
N GLY E 193 35.61 -10.60 27.25
CA GLY E 193 36.87 -11.17 27.69
C GLY E 193 37.90 -10.66 26.72
N LYS E 194 38.93 -9.99 27.23
CA LYS E 194 39.87 -9.29 26.36
C LYS E 194 40.59 -10.25 25.43
N SER E 195 40.99 -11.41 25.94
CA SER E 195 41.71 -12.39 25.15
C SER E 195 40.85 -12.85 24.01
N CYS E 196 39.54 -12.96 24.26
CA CYS E 196 38.64 -13.45 23.23
C CYS E 196 38.30 -12.30 22.29
N LEU E 197 39.28 -11.91 21.49
CA LEU E 197 39.10 -10.88 20.50
C LEU E 197 39.26 -11.54 19.15
N LYS E 198 38.22 -11.49 18.33
CA LYS E 198 38.28 -12.07 16.99
C LYS E 198 37.19 -11.50 16.10
N THR E 199 37.33 -11.68 14.79
CA THR E 199 36.33 -11.23 13.83
C THR E 199 35.06 -12.08 13.81
N LYS E 200 33.95 -11.45 13.45
CA LYS E 200 32.66 -12.12 13.38
C LYS E 200 32.54 -13.08 12.21
N GLU E 201 31.71 -14.09 12.40
CA GLU E 201 31.36 -15.02 11.35
C GLU E 201 30.62 -14.23 10.29
N TYR E 202 29.85 -13.25 10.73
CA TYR E 202 28.91 -12.52 9.91
C TYR E 202 29.57 -11.80 8.74
N ILE E 203 30.80 -11.35 8.92
CA ILE E 203 31.55 -10.82 7.81
C ILE E 203 31.76 -11.92 6.80
N TYR E 204 31.96 -13.14 7.27
CA TYR E 204 32.14 -14.28 6.39
C TYR E 204 30.88 -14.49 5.55
N GLN E 205 29.73 -14.39 6.17
CA GLN E 205 28.49 -14.56 5.46
C GLN E 205 28.29 -13.50 4.42
N THR E 206 28.59 -12.26 4.76
CA THR E 206 28.34 -11.16 3.87
C THR E 206 29.17 -11.34 2.63
N ILE E 207 30.41 -11.74 2.80
CA ILE E 207 31.26 -12.00 1.65
C ILE E 207 30.75 -13.15 0.79
N GLU E 208 30.41 -14.26 1.44
CA GLU E 208 30.14 -15.45 0.68
C GLU E 208 28.95 -15.20 -0.22
N THR E 209 27.89 -14.66 0.37
CA THR E 209 26.70 -14.33 -0.41
C THR E 209 27.00 -13.23 -1.42
N LEU E 210 27.78 -12.24 -1.02
CA LEU E 210 28.02 -11.11 -1.88
C LEU E 210 28.73 -11.59 -3.11
N LEU E 211 29.65 -12.52 -2.93
CA LEU E 211 30.36 -13.09 -4.07
C LEU E 211 29.95 -14.52 -4.36
N PRO E 212 29.42 -14.70 -5.64
CA PRO E 212 29.21 -16.10 -6.00
C PRO E 212 30.55 -16.85 -6.11
N LYS E 213 31.56 -16.14 -6.58
CA LYS E 213 32.78 -16.75 -7.10
C LYS E 213 33.45 -17.62 -6.09
N SER E 214 33.91 -18.77 -6.57
CA SER E 214 34.50 -19.79 -5.71
C SER E 214 35.79 -19.44 -4.97
N GLN E 215 36.74 -18.82 -5.65
CA GLN E 215 38.08 -18.73 -5.08
C GLN E 215 38.17 -17.57 -4.14
N LEU E 216 38.53 -17.86 -2.91
CA LEU E 216 38.43 -16.93 -1.81
C LEU E 216 39.54 -17.21 -0.83
N MET E 217 40.12 -16.15 -0.28
CA MET E 217 41.17 -16.32 0.69
C MET E 217 40.95 -15.47 1.93
N GLU E 218 41.52 -15.94 3.02
CA GLU E 218 41.50 -15.22 4.27
C GLU E 218 42.96 -15.18 4.60
N ILE E 219 43.38 -14.20 5.39
CA ILE E 219 44.78 -14.13 5.76
C ILE E 219 44.90 -13.95 7.27
N PHE E 220 46.01 -14.38 7.83
CA PHE E 220 46.15 -14.34 9.27
C PHE E 220 44.98 -15.10 9.88
N ALA E 221 44.72 -16.29 9.33
CA ALA E 221 43.61 -17.11 9.80
C ALA E 221 44.06 -18.17 10.80
N GLN E 222 43.48 -18.09 11.99
CA GLN E 222 43.75 -19.00 13.10
C GLN E 222 43.10 -20.36 12.97
N LYS E 223 43.68 -21.34 13.66
CA LYS E 223 43.14 -22.69 13.66
C LYS E 223 41.71 -22.54 14.09
N ASP E 224 41.45 -21.55 14.94
CA ASP E 224 40.08 -21.22 15.27
C ASP E 224 39.34 -20.73 14.02
N GLN E 225 40.01 -19.93 13.21
CA GLN E 225 39.40 -19.39 11.99
C GLN E 225 39.55 -20.21 10.71
N PRO E 226 38.81 -21.40 10.61
CA PRO E 226 38.84 -22.00 9.27
C PRO E 226 37.44 -21.94 8.66
N ARG E 227 37.32 -21.98 7.34
CA ARG E 227 36.00 -21.97 6.71
C ARG E 227 35.95 -22.71 5.39
N LYS E 228 34.74 -22.89 4.86
CA LYS E 228 34.54 -23.72 3.67
C LYS E 228 34.83 -23.04 2.35
N GLY E 229 35.74 -23.65 1.60
CA GLY E 229 36.07 -23.28 0.23
C GLY E 229 37.14 -22.22 0.16
N TRP E 230 37.42 -21.64 1.32
CA TRP E 230 38.44 -20.62 1.46
C TRP E 230 39.78 -21.29 1.53
N ILE E 231 40.83 -20.51 1.39
CA ILE E 231 42.16 -20.96 1.68
C ILE E 231 42.64 -20.22 2.92
N SER E 232 43.06 -20.95 3.94
CA SER E 232 43.44 -20.32 5.18
C SER E 232 44.92 -20.07 5.23
N VAL E 233 45.32 -18.80 5.10
CA VAL E 233 46.71 -18.44 5.25
C VAL E 233 46.86 -17.91 6.66
N CYS E 234 47.77 -18.51 7.40
CA CYS E 234 47.84 -18.37 8.84
C CYS E 234 49.28 -18.20 9.27
N GLU E 235 49.49 -17.80 10.52
CA GLU E 235 50.84 -17.74 11.06
C GLU E 235 50.88 -18.29 12.46
N VAL F 3 -47.51 -12.62 8.40
CA VAL F 3 -47.25 -14.05 8.29
C VAL F 3 -46.81 -14.62 9.63
N THR F 4 -47.20 -15.86 9.91
CA THR F 4 -46.77 -16.51 11.13
C THR F 4 -47.14 -15.62 12.29
N CYS F 5 -48.31 -15.02 12.20
CA CYS F 5 -48.74 -14.05 13.18
C CYS F 5 -48.85 -14.68 14.56
N ASP F 6 -49.35 -15.92 14.60
CA ASP F 6 -49.62 -16.59 15.86
C ASP F 6 -48.38 -16.80 16.72
N ASN F 7 -47.27 -17.19 16.10
CA ASN F 7 -46.04 -17.35 16.85
C ASN F 7 -45.50 -16.05 17.43
N LEU F 8 -45.52 -15.00 16.63
CA LEU F 8 -45.03 -13.70 17.08
C LEU F 8 -45.86 -13.09 18.20
N GLU F 9 -47.18 -13.19 18.05
CA GLU F 9 -48.12 -12.54 18.97
C GLU F 9 -48.05 -13.05 20.41
N VAL F 10 -47.90 -14.36 20.56
CA VAL F 10 -47.90 -14.97 21.88
C VAL F 10 -46.69 -14.55 22.70
N LEU F 11 -45.51 -14.64 22.10
CA LEU F 11 -44.29 -14.28 22.81
C LEU F 11 -44.29 -12.84 23.27
N LEU F 12 -44.78 -11.94 22.43
CA LEU F 12 -44.93 -10.55 22.84
C LEU F 12 -46.39 -10.23 23.08
N GLN F 13 -47.25 -11.21 22.86
CA GLN F 13 -48.68 -11.05 23.04
C GLN F 13 -49.14 -11.98 24.14
N TRP F 14 -49.81 -11.44 25.14
CA TRP F 14 -50.26 -12.23 26.28
C TRP F 14 -51.28 -13.29 25.89
N LYS F 15 -52.17 -12.93 24.98
CA LYS F 15 -53.20 -13.86 24.51
C LYS F 15 -52.57 -15.20 24.19
N TYR F 23 -47.05 -13.52 37.18
CA TYR F 23 -46.35 -12.67 38.13
C TYR F 23 -47.08 -11.35 38.33
N GLU F 24 -48.36 -11.45 38.69
CA GLU F 24 -49.18 -10.25 38.88
C GLU F 24 -48.65 -9.40 40.02
N THR F 25 -48.24 -10.05 41.09
CA THR F 25 -47.90 -9.40 42.35
C THR F 25 -46.67 -8.48 42.32
N ASP F 26 -46.67 -7.51 43.25
CA ASP F 26 -45.59 -6.54 43.40
C ASP F 26 -45.23 -6.37 44.89
N GLN F 27 -44.07 -6.86 45.30
CA GLN F 27 -43.76 -7.05 46.72
C GLN F 27 -43.10 -5.84 47.37
N LYS F 28 -43.78 -5.23 48.32
CA LYS F 28 -43.24 -4.04 48.97
C LYS F 28 -42.79 -4.29 50.40
N LYS F 29 -41.48 -4.21 50.62
CA LYS F 29 -40.91 -4.22 51.95
C LYS F 29 -40.19 -2.88 52.18
N ILE F 30 -39.87 -2.22 51.07
CA ILE F 30 -39.10 -0.98 51.08
C ILE F 30 -38.47 -0.78 49.71
N LYS F 34 -34.57 6.41 47.79
CA LYS F 34 -33.40 7.24 47.45
C LYS F 34 -33.58 7.89 46.06
N LYS F 35 -33.62 9.23 45.99
CA LYS F 35 -33.60 9.93 44.71
C LYS F 35 -32.18 9.89 44.14
N ILE F 36 -31.96 9.03 43.16
CA ILE F 36 -30.62 8.56 42.84
C ILE F 36 -29.56 9.64 42.61
N LEU F 37 -29.91 10.68 41.85
CA LEU F 37 -28.92 11.62 41.41
C LEU F 37 -28.25 12.25 42.63
N GLY F 38 -29.05 12.58 43.63
CA GLY F 38 -28.52 12.93 44.92
C GLY F 38 -27.82 11.70 45.46
N THR F 39 -28.43 10.55 45.18
CA THR F 39 -28.09 9.27 45.80
C THR F 39 -26.72 8.68 45.53
N ASP F 40 -26.19 8.01 46.55
CA ASP F 40 -25.01 7.17 46.44
C ASP F 40 -25.30 5.83 47.11
N LEU F 41 -26.14 5.03 46.47
CA LEU F 41 -26.61 3.77 47.04
C LEU F 41 -25.61 2.64 46.80
N GLY F 50 -26.46 -8.12 38.36
CA GLY F 50 -27.31 -7.89 37.21
C GLY F 50 -28.25 -6.71 37.34
N ILE F 51 -27.68 -5.50 37.41
CA ILE F 51 -28.48 -4.28 37.49
C ILE F 51 -29.45 -4.19 36.30
N PHE F 52 -30.64 -3.63 36.57
CA PHE F 52 -31.45 -2.98 35.55
C PHE F 52 -31.37 -1.49 35.77
N ILE F 53 -31.50 -0.75 34.67
CA ILE F 53 -31.74 0.69 34.67
C ILE F 53 -32.71 0.98 33.53
N ASP F 54 -33.76 1.75 33.80
CA ASP F 54 -34.54 2.28 32.69
C ASP F 54 -34.15 3.72 32.39
N ASN F 55 -33.57 4.42 33.34
CA ASN F 55 -33.30 5.84 33.19
C ASN F 55 -32.29 6.13 32.10
N LEU F 56 -32.52 7.19 31.34
CA LEU F 56 -31.52 7.71 30.41
C LEU F 56 -31.31 9.22 30.59
N PHE F 57 -30.07 9.63 30.80
CA PHE F 57 -29.69 11.06 30.77
C PHE F 57 -28.35 11.34 30.09
N LYS F 58 -28.30 12.39 29.26
CA LYS F 58 -27.12 12.73 28.46
C LYS F 58 -25.79 13.15 29.13
N LYS F 59 -25.82 13.99 30.17
CA LYS F 59 -24.58 14.38 30.85
C LYS F 59 -24.49 13.93 32.30
N ASP F 60 -25.53 14.20 33.06
CA ASP F 60 -25.51 14.00 34.50
C ASP F 60 -25.19 12.53 34.72
N LEU F 61 -25.67 11.71 33.80
CA LEU F 61 -25.51 10.28 33.89
C LEU F 61 -24.03 9.93 33.89
N LYS F 62 -23.20 10.81 33.34
CA LYS F 62 -21.77 10.55 33.31
C LYS F 62 -21.25 10.44 34.73
N ASN F 63 -21.80 11.27 35.59
CA ASN F 63 -21.35 11.46 36.98
C ASN F 63 -21.69 10.34 37.98
N LEU F 64 -22.55 9.41 37.59
CA LEU F 64 -23.26 8.53 38.52
C LEU F 64 -22.44 7.61 39.44
N ASP F 65 -21.33 7.06 38.93
CA ASP F 65 -20.46 6.27 39.80
C ASP F 65 -21.08 4.96 40.27
N ILE F 66 -21.96 4.41 39.45
CA ILE F 66 -22.61 3.13 39.74
C ILE F 66 -21.58 2.02 39.79
N SER F 67 -20.43 2.25 39.16
CA SER F 67 -19.38 1.24 39.07
C SER F 67 -19.03 0.84 40.49
N LYS F 68 -19.06 1.81 41.38
CA LYS F 68 -18.76 1.59 42.77
C LYS F 68 -19.80 0.67 43.41
N LYS F 69 -20.92 0.47 42.73
CA LYS F 69 -21.92 -0.46 43.25
C LYS F 69 -22.33 -1.52 42.24
N LEU F 70 -21.43 -2.48 42.01
CA LEU F 70 -21.67 -3.63 41.16
C LEU F 70 -20.71 -4.74 41.56
N ILE F 71 -20.98 -5.98 41.14
CA ILE F 71 -20.03 -7.06 41.36
C ILE F 71 -18.99 -7.07 40.25
N SER F 72 -17.85 -7.70 40.49
CA SER F 72 -16.82 -7.82 39.47
C SER F 72 -17.40 -8.59 38.30
N ASN F 73 -18.22 -9.58 38.61
CA ASN F 73 -18.92 -10.41 37.62
C ASN F 73 -20.15 -9.69 37.12
N GLY F 74 -20.39 -8.50 37.66
CA GLY F 74 -21.61 -7.75 37.42
C GLY F 74 -21.86 -7.30 35.99
N ILE F 75 -23.14 -7.36 35.65
CA ILE F 75 -23.72 -6.98 34.35
C ILE F 75 -24.59 -5.73 34.49
N LEU F 76 -24.91 -5.08 33.37
CA LEU F 76 -25.72 -3.85 33.38
C LEU F 76 -26.91 -3.96 32.43
N PHE F 77 -27.95 -3.18 32.68
CA PHE F 77 -29.13 -3.14 31.80
C PHE F 77 -29.69 -1.72 31.61
N ILE F 78 -30.29 -1.47 30.45
CA ILE F 78 -30.87 -0.18 30.16
C ILE F 78 -31.95 -0.26 29.09
N TRP F 79 -32.77 0.77 29.02
CA TRP F 79 -33.71 0.93 27.92
C TRP F 79 -33.15 2.07 27.13
N SER F 80 -33.01 1.89 25.83
CA SER F 80 -32.57 2.99 25.01
C SER F 80 -33.81 3.50 24.35
N ASP F 81 -34.13 4.76 24.63
CA ASP F 81 -35.24 5.37 23.97
C ASP F 81 -34.73 5.52 22.55
N LYS F 82 -35.64 5.72 21.62
CA LYS F 82 -35.29 5.72 20.20
C LYS F 82 -34.27 6.80 19.81
N SER F 83 -34.34 7.97 20.42
CA SER F 83 -33.83 9.19 19.81
C SER F 83 -32.35 9.16 19.45
N LEU F 84 -31.49 8.71 20.36
CA LEU F 84 -30.10 8.50 19.98
C LEU F 84 -29.42 7.37 20.73
N ILE F 85 -28.71 6.52 19.99
CA ILE F 85 -27.96 5.42 20.58
C ILE F 85 -26.46 5.65 20.46
N ASN F 86 -26.09 6.86 20.08
CA ASN F 86 -24.69 7.22 19.94
C ASN F 86 -24.10 7.96 21.12
N GLU F 87 -24.86 8.10 22.20
CA GLU F 87 -24.31 8.69 23.42
C GLU F 87 -24.07 7.76 24.61
N ILE F 88 -25.06 6.93 24.98
CA ILE F 88 -24.88 5.99 26.09
C ILE F 88 -23.66 5.09 25.87
N LEU F 89 -23.14 4.99 24.65
CA LEU F 89 -21.94 4.19 24.54
C LEU F 89 -20.72 4.99 24.93
N GLU F 90 -20.75 6.32 24.82
CA GLU F 90 -19.70 7.12 25.42
C GLU F 90 -19.96 7.39 26.91
N THR F 91 -21.23 7.40 27.35
CA THR F 91 -21.53 7.56 28.76
C THR F 91 -21.06 6.36 29.57
N MET F 92 -21.62 5.18 29.29
CA MET F 92 -21.22 3.97 29.99
C MET F 92 -19.75 3.65 29.79
N GLU F 93 -19.12 4.36 28.87
CA GLU F 93 -17.69 4.29 28.74
C GLU F 93 -17.07 4.73 30.05
N ASN F 94 -17.65 5.74 30.70
CA ASN F 94 -17.14 6.18 32.00
C ASN F 94 -17.25 5.08 33.06
N LYS F 95 -18.39 4.41 33.09
CA LYS F 95 -18.53 3.22 33.91
C LYS F 95 -17.69 2.21 33.19
N GLY F 96 -17.05 1.31 33.92
CA GLY F 96 -16.19 0.34 33.25
C GLY F 96 -17.03 -0.79 32.71
N PHE F 97 -17.88 -0.48 31.75
CA PHE F 97 -18.69 -1.52 31.14
C PHE F 97 -18.69 -1.59 29.61
N THR F 98 -18.46 -2.78 29.11
CA THR F 98 -18.47 -3.09 27.70
C THR F 98 -19.88 -3.10 27.16
N TYR F 99 -20.02 -3.02 25.84
CA TYR F 99 -21.31 -3.17 25.19
C TYR F 99 -21.36 -4.57 24.63
N ILE F 100 -22.38 -5.34 24.99
CA ILE F 100 -22.43 -6.71 24.51
C ILE F 100 -23.65 -7.11 23.68
N GLU F 101 -24.80 -6.50 23.90
CA GLU F 101 -25.98 -6.89 23.13
C GLU F 101 -27.04 -5.80 23.00
N ASN F 102 -27.87 -5.94 21.98
CA ASN F 102 -29.00 -5.04 21.75
C ASN F 102 -30.24 -5.84 21.43
N LEU F 103 -31.40 -5.45 21.96
CA LEU F 103 -32.63 -6.16 21.67
C LEU F 103 -33.64 -5.23 21.03
N VAL F 104 -34.19 -5.64 19.89
CA VAL F 104 -34.96 -4.73 19.08
C VAL F 104 -36.41 -5.16 19.06
N VAL F 105 -37.29 -4.24 19.45
CA VAL F 105 -38.69 -4.52 19.48
C VAL F 105 -39.28 -3.96 18.22
N VAL F 106 -39.96 -4.80 17.46
CA VAL F 106 -40.60 -4.33 16.25
C VAL F 106 -42.06 -4.07 16.57
N GLN F 107 -42.46 -2.81 16.45
CA GLN F 107 -43.82 -2.42 16.72
C GLN F 107 -44.72 -2.94 15.62
N LEU F 108 -45.89 -3.41 16.02
CA LEU F 108 -46.87 -3.96 15.07
C LEU F 108 -47.96 -2.92 14.87
N LEU F 110 -50.95 -1.73 17.34
CA LEU F 110 -52.03 -2.61 16.93
C LEU F 110 -53.08 -1.85 16.14
N GLU F 111 -52.86 -0.55 15.95
CA GLU F 111 -53.82 0.29 15.26
C GLU F 111 -54.04 -0.09 13.81
N GLN F 112 -52.97 -0.44 13.12
CA GLN F 112 -53.02 -0.63 11.67
C GLN F 112 -53.96 -1.74 11.27
N ALA F 113 -53.93 -2.83 12.01
CA ALA F 113 -54.70 -4.04 11.69
C ALA F 113 -56.22 -3.85 11.73
N LEU F 114 -56.71 -3.10 12.70
CA LEU F 114 -58.14 -3.07 12.97
C LEU F 114 -58.94 -2.55 11.78
N GLU F 115 -58.45 -1.49 11.14
CA GLU F 115 -59.15 -0.98 9.97
C GLU F 115 -59.14 -2.01 8.85
N GLU F 116 -57.98 -2.61 8.62
CA GLU F 116 -57.87 -3.69 7.66
C GLU F 116 -58.63 -4.92 8.14
N LEU F 117 -58.49 -5.21 9.43
CA LEU F 117 -59.10 -6.37 10.05
C LEU F 117 -60.63 -6.36 10.09
N ASN F 118 -61.20 -5.18 10.33
CA ASN F 118 -62.60 -5.07 10.68
C ASN F 118 -63.57 -5.61 9.63
N LYS F 119 -63.29 -5.36 8.36
CA LYS F 119 -64.18 -5.85 7.33
C LYS F 119 -63.56 -7.07 6.68
N HIS F 120 -64.26 -8.20 6.70
CA HIS F 120 -65.56 -8.33 7.36
C HIS F 120 -65.78 -9.75 7.92
N MET F 121 -66.74 -9.91 8.83
CA MET F 121 -67.52 -8.80 9.38
C MET F 121 -67.36 -8.66 10.90
N LYS F 122 -66.64 -9.60 11.50
CA LYS F 122 -66.67 -9.78 12.95
C LYS F 122 -65.34 -9.48 13.61
N ILE F 123 -65.38 -8.65 14.65
CA ILE F 123 -64.16 -8.23 15.33
C ILE F 123 -63.55 -9.37 16.14
N GLN F 125 -59.08 -8.54 22.45
CA GLN F 125 -59.85 -8.10 21.30
C GLN F 125 -58.97 -8.04 20.05
N THR F 126 -57.89 -7.27 20.19
CA THR F 126 -56.98 -7.02 19.07
C THR F 126 -56.38 -8.32 18.54
N GLU F 127 -55.67 -9.03 19.41
CA GLU F 127 -54.89 -10.23 19.06
C GLU F 127 -55.64 -11.47 18.55
N ASP F 128 -56.80 -11.75 19.15
CA ASP F 128 -57.41 -13.08 19.14
C ASP F 128 -57.75 -13.61 17.75
N ALA F 129 -58.06 -12.71 16.84
CA ALA F 129 -58.50 -13.06 15.49
C ALA F 129 -57.30 -13.07 14.53
N VAL F 130 -56.12 -13.15 15.13
CA VAL F 130 -54.88 -13.17 14.35
C VAL F 130 -54.78 -14.36 13.41
N LEU F 131 -55.37 -15.50 13.77
CA LEU F 131 -55.17 -16.69 12.97
C LEU F 131 -55.65 -16.43 11.56
N ASP F 132 -56.76 -15.70 11.46
CA ASP F 132 -57.26 -15.22 10.18
C ASP F 132 -56.29 -14.25 9.50
N ASN F 133 -55.66 -13.39 10.29
CA ASN F 133 -54.90 -12.23 9.81
C ASN F 133 -53.68 -12.47 8.91
N LEU F 134 -52.91 -13.51 9.18
CA LEU F 134 -51.64 -13.68 8.50
C LEU F 134 -51.81 -13.76 7.00
N ASP F 135 -52.88 -14.40 6.56
CA ASP F 135 -53.13 -14.53 5.15
C ASP F 135 -53.32 -13.19 4.47
N PHE F 136 -54.03 -12.28 5.13
CA PHE F 136 -54.42 -11.02 4.49
C PHE F 136 -53.33 -10.02 4.05
N LEU F 137 -52.34 -9.76 4.90
CA LEU F 137 -51.34 -8.77 4.56
C LEU F 137 -49.97 -9.11 5.09
N GLN F 138 -48.93 -8.70 4.38
CA GLN F 138 -47.56 -9.00 4.77
C GLN F 138 -47.18 -8.28 6.06
N GLN F 139 -46.39 -8.96 6.91
CA GLN F 139 -45.97 -8.38 8.17
C GLN F 139 -45.06 -7.23 7.88
N LYS F 140 -44.21 -7.38 6.87
CA LYS F 140 -43.29 -6.33 6.52
C LYS F 140 -44.10 -5.11 6.13
N VAL F 141 -45.18 -5.32 5.40
CA VAL F 141 -46.03 -4.21 4.98
C VAL F 141 -46.70 -3.47 6.12
N GLN F 142 -47.23 -4.22 7.09
CA GLN F 142 -48.00 -3.60 8.17
C GLN F 142 -47.24 -2.67 9.09
N VAL F 143 -46.02 -3.04 9.45
CA VAL F 143 -45.28 -2.33 10.48
C VAL F 143 -45.32 -0.85 10.21
N LYS F 144 -45.43 -0.07 11.27
CA LYS F 144 -45.47 1.38 11.16
C LYS F 144 -44.63 2.01 12.23
N LYS F 153 -36.12 13.26 12.35
CA LYS F 153 -35.70 11.89 12.06
C LYS F 153 -35.98 11.54 10.61
N VAL F 154 -35.28 10.51 10.12
CA VAL F 154 -35.28 10.21 8.69
C VAL F 154 -36.32 9.14 8.39
N LEU F 155 -36.65 8.27 9.36
CA LEU F 155 -37.48 7.11 9.03
C LEU F 155 -38.41 6.76 10.18
N ASN F 156 -39.41 5.93 9.91
CA ASN F 156 -40.39 5.64 10.93
C ASN F 156 -39.73 4.99 12.13
N GLN F 157 -40.04 5.51 13.31
CA GLN F 157 -39.51 4.93 14.51
C GLN F 157 -40.47 3.83 14.93
N SER F 158 -40.30 2.67 14.31
CA SER F 158 -41.20 1.54 14.49
C SER F 158 -40.82 0.68 15.69
N LYS F 159 -39.72 1.05 16.34
CA LYS F 159 -39.19 0.25 17.44
C LYS F 159 -38.69 1.06 18.64
N GLN F 160 -38.60 0.41 19.79
CA GLN F 160 -37.94 0.96 20.96
C GLN F 160 -36.82 -0.05 21.26
N VAL F 161 -35.63 0.41 21.62
CA VAL F 161 -34.50 -0.52 21.64
C VAL F 161 -33.92 -0.63 23.04
N LEU F 162 -33.19 -1.70 23.32
CA LEU F 162 -32.59 -1.89 24.63
C LEU F 162 -31.11 -2.18 24.50
N ILE F 163 -30.32 -1.78 25.50
CA ILE F 163 -28.85 -1.97 25.46
C ILE F 163 -28.37 -2.76 26.68
N MET F 164 -27.25 -3.46 26.53
CA MET F 164 -26.76 -4.41 27.51
C MET F 164 -25.27 -4.23 27.77
N PHE F 165 -24.84 -4.41 29.01
CA PHE F 165 -23.42 -4.26 29.34
C PHE F 165 -22.89 -5.33 30.29
N ARG F 166 -21.60 -5.63 30.15
CA ARG F 166 -20.91 -6.49 31.09
C ARG F 166 -19.41 -6.26 31.04
N LYS F 167 -18.70 -6.83 31.99
CA LYS F 167 -17.30 -6.52 32.23
C LYS F 167 -16.47 -7.40 31.32
N HIS F 179 -26.55 -19.19 29.03
CA HIS F 179 -26.50 -18.03 28.17
C HIS F 179 -27.01 -18.40 26.79
N GLN F 180 -27.12 -17.40 25.91
CA GLN F 180 -27.53 -17.60 24.52
C GLN F 180 -28.90 -18.24 24.35
N ARG F 181 -29.84 -17.92 25.24
CA ARG F 181 -31.17 -18.50 25.17
C ARG F 181 -32.01 -17.85 24.07
N ASP F 184 -32.35 -11.78 19.49
CA ASP F 184 -32.44 -10.55 20.27
C ASP F 184 -33.70 -9.76 19.93
N VAL F 185 -34.76 -10.45 19.50
CA VAL F 185 -35.96 -9.72 19.08
C VAL F 185 -37.26 -10.18 19.73
N LEU F 186 -38.14 -9.23 20.03
CA LEU F 186 -39.56 -9.50 20.30
C LEU F 186 -40.55 -8.48 19.67
N PHE F 187 -41.36 -8.91 18.70
CA PHE F 187 -42.33 -8.02 18.04
C PHE F 187 -43.56 -7.70 18.90
N ASP F 188 -44.16 -6.53 18.68
CA ASP F 188 -45.30 -6.04 19.50
C ASP F 188 -46.05 -4.88 18.84
N ILE F 189 -47.16 -4.43 19.45
CA ILE F 189 -47.78 -3.13 19.11
C ILE F 189 -48.32 -2.26 20.26
N VAL F 190 -48.05 -0.95 20.20
CA VAL F 190 -48.82 0.08 20.92
C VAL F 190 -49.13 1.25 19.97
N ASN F 191 -50.40 1.59 19.80
CA ASN F 191 -50.82 2.60 18.83
C ASN F 191 -50.34 4.05 19.06
N ASN F 192 -50.42 4.50 20.29
CA ASN F 192 -50.01 5.84 20.67
C ASN F 192 -49.55 5.79 22.12
N GLY F 193 -48.74 6.75 22.55
CA GLY F 193 -48.37 6.77 23.95
C GLY F 193 -49.66 6.99 24.70
N LYS F 194 -49.89 6.21 25.76
CA LYS F 194 -51.12 6.36 26.52
C LYS F 194 -50.86 6.40 28.02
N SER F 195 -50.19 7.46 28.46
CA SER F 195 -50.04 7.73 29.88
C SER F 195 -49.18 6.66 30.55
N CYS F 196 -48.48 5.87 29.74
CA CYS F 196 -47.71 4.76 30.27
C CYS F 196 -46.32 4.68 29.66
N LEU F 197 -45.33 4.63 30.53
CA LEU F 197 -43.96 4.51 30.10
C LEU F 197 -43.49 3.12 30.47
N LYS F 198 -44.19 2.51 31.42
CA LYS F 198 -43.77 1.22 31.91
C LYS F 198 -43.34 0.36 30.74
N THR F 199 -42.18 -0.27 30.87
CA THR F 199 -41.73 -1.26 29.91
C THR F 199 -42.33 -2.62 30.24
N LYS F 200 -42.44 -3.50 29.25
CA LYS F 200 -43.12 -4.78 29.43
C LYS F 200 -42.30 -5.77 30.25
N GLU F 201 -42.98 -6.81 30.73
CA GLU F 201 -42.43 -7.80 31.65
C GLU F 201 -41.26 -8.61 31.14
N TYR F 202 -41.24 -8.86 29.84
CA TYR F 202 -40.38 -9.85 29.23
C TYR F 202 -38.87 -9.67 29.38
N ILE F 203 -38.40 -8.44 29.49
CA ILE F 203 -36.95 -8.21 29.55
C ILE F 203 -36.27 -8.89 30.76
N TYR F 204 -36.89 -8.79 31.93
CA TYR F 204 -36.34 -9.39 33.15
C TYR F 204 -36.24 -10.91 33.14
N GLN F 205 -37.23 -11.54 32.54
CA GLN F 205 -37.74 -12.84 32.94
C GLN F 205 -36.79 -14.05 32.92
N THR F 206 -36.00 -14.21 31.87
CA THR F 206 -35.10 -15.35 31.83
C THR F 206 -33.62 -14.98 31.91
N ILE F 207 -33.35 -13.71 32.17
CA ILE F 207 -31.97 -13.24 32.29
C ILE F 207 -31.33 -13.94 33.46
N GLU F 208 -32.11 -14.14 34.51
CA GLU F 208 -31.60 -14.74 35.73
C GLU F 208 -30.98 -16.09 35.41
N THR F 209 -31.63 -16.85 34.52
CA THR F 209 -31.05 -18.08 34.00
C THR F 209 -29.86 -17.77 33.09
N LEU F 210 -28.86 -18.65 33.14
CA LEU F 210 -27.62 -18.51 32.37
C LEU F 210 -26.61 -17.66 33.12
N LEU F 211 -27.03 -17.09 34.23
CA LEU F 211 -26.10 -16.59 35.22
C LEU F 211 -26.54 -17.18 36.54
N PRO F 212 -25.59 -18.00 37.19
CA PRO F 212 -26.11 -18.62 38.41
C PRO F 212 -25.97 -17.65 39.58
N LYS F 213 -26.76 -16.58 39.57
CA LYS F 213 -26.78 -15.63 40.69
C LYS F 213 -28.20 -15.18 41.01
N SER F 214 -28.44 -14.88 42.29
CA SER F 214 -29.75 -14.49 42.78
C SER F 214 -29.98 -12.99 43.00
N GLN F 215 -28.98 -12.15 42.75
CA GLN F 215 -29.13 -10.72 43.06
C GLN F 215 -29.32 -9.90 41.79
N LEU F 216 -30.44 -9.19 41.72
CA LEU F 216 -30.85 -8.48 40.51
C LEU F 216 -31.32 -7.05 40.74
N MET F 217 -30.38 -6.14 40.94
CA MET F 217 -30.74 -4.76 41.26
C MET F 217 -31.55 -4.14 40.13
N GLU F 218 -32.54 -3.34 40.49
CA GLU F 218 -33.42 -2.69 39.53
C GLU F 218 -33.30 -1.18 39.66
N ILE F 219 -33.14 -0.49 38.54
CA ILE F 219 -32.79 0.93 38.56
C ILE F 219 -33.89 1.96 38.27
N PHE F 220 -35.10 1.55 37.93
CA PHE F 220 -36.19 2.52 37.80
C PHE F 220 -37.52 2.02 38.32
N ALA F 221 -38.37 2.94 38.75
CA ALA F 221 -39.52 2.60 39.56
C ALA F 221 -40.86 3.18 39.15
N GLN F 222 -41.89 2.43 39.51
CA GLN F 222 -43.30 2.79 39.45
C GLN F 222 -43.93 1.85 40.48
N LYS F 223 -45.20 2.04 40.82
CA LYS F 223 -45.81 1.18 41.83
C LYS F 223 -45.82 -0.30 41.42
N ASP F 224 -46.03 -0.55 40.13
CA ASP F 224 -46.07 -1.90 39.55
C ASP F 224 -44.78 -2.77 39.55
N GLN F 225 -43.62 -2.15 39.33
CA GLN F 225 -42.39 -2.84 38.93
C GLN F 225 -41.70 -3.90 39.82
N PRO F 226 -41.66 -3.67 41.21
CA PRO F 226 -40.75 -4.59 41.94
C PRO F 226 -41.09 -6.10 41.94
N ARG F 227 -40.06 -6.94 41.98
CA ARG F 227 -40.25 -8.37 41.79
C ARG F 227 -39.64 -9.19 42.91
N LYS F 228 -40.27 -10.31 43.25
CA LYS F 228 -39.73 -11.18 44.28
C LYS F 228 -38.38 -11.70 43.82
N GLY F 229 -37.41 -11.69 44.71
CA GLY F 229 -36.07 -12.12 44.36
C GLY F 229 -35.42 -11.07 43.49
N TRP F 230 -36.11 -9.95 43.28
CA TRP F 230 -35.62 -8.85 42.48
C TRP F 230 -35.63 -7.61 43.35
N ILE F 231 -34.46 -7.03 43.56
CA ILE F 231 -34.40 -5.80 44.31
C ILE F 231 -35.08 -4.75 43.46
N SER F 232 -35.80 -3.83 44.07
CA SER F 232 -36.40 -2.76 43.30
C SER F 232 -35.86 -1.44 43.78
N VAL F 233 -35.32 -0.66 42.87
CA VAL F 233 -34.89 0.69 43.19
C VAL F 233 -35.84 1.62 42.44
N CYS F 234 -36.47 2.54 43.14
CA CYS F 234 -37.36 3.45 42.44
C CYS F 234 -37.35 4.82 43.09
N GLU F 235 -37.47 5.85 42.25
CA GLU F 235 -37.76 7.18 42.74
C GLU F 235 -39.28 7.22 42.99
#